data_4BS9
#
_entry.id   4BS9
#
_cell.length_a   138.270
_cell.length_b   138.270
_cell.length_c   280.390
_cell.angle_alpha   90.00
_cell.angle_beta   90.00
_cell.angle_gamma   90.00
#
_symmetry.space_group_name_H-M   'I 41 2 2'
#
loop_
_entity.id
_entity.type
_entity.pdbx_description
1 polymer TRUD
2 non-polymer 'ZINC ION'
3 water water
#
_entity_poly.entity_id   1
_entity_poly.type   'polypeptide(L)'
_entity_poly.pdbx_seq_one_letter_code
;GQPTALQIKPHFHVEIIEPKQVYLLGEQGNHALTGQLYCQILPFLNGEYTREQIVEKLDGQVPEEYIDFVLSRLVEKGYL
TEVAPELSLEVAAFWSELGIAPSVVAEGLKQPVTVTTAGKGIREGIVANLAAALEEAGIQVSDPRDPKAPKAGDSTAQLQ
VVLTDDYLQPELAAINKEALERQQPWLLVKPVGSILWLGPLFVPGETGCWHCLAQRLQGNREVEASVLQQKRALQERNGQ
NKNGAVSCLPTARATLPSTLQTGLQWAATEIAKWMVKRHLNAIAPGTARFPTLAGKIFTFNQTTLELKAHPLSRRPQCPT
CGDRETLQRRGFEPLKLESRPKHFTSDGGHRAMTPEQTVQKYQHLIGPITGVVTELVRISDPANPLVHTYRAGHSFGSAT
SLRGLRNVLRHKSSGKGKTDSQSRASGLCEAIERYSGIFQGDEPRKRATLAELGDLAIHPEQCLHFSDRQYDNRESSNER
ATVTHDWIPQRFDASKAHDWTPVWSLTEQTHKYLPTALCYYRYPFPPEHRFCRSDSNGNAAGNTLEEAILQGFMELVERD
SVCLWWYNRVSRPAVDLSSFDEPYFLQLQQFYQTQNRDLWVLDLTADLGIPAFVGVSNRKAGSSERIILGFGAHLDPTVA
ILRALTEVNQIGLELDKVSDESLKNDATDWLVNATLAASPYLVADASQPLKTAKDYPRRWSDDIYTDVMTCVEIAKQAGL
ETLVLDQTRPDIGLNVVKVIVPGMRFWSRFGSGRLYDVPVKLGWREQPLAEAQMNPTPMPF
;
_entity_poly.pdbx_strand_id   A
#
# COMPACT_ATOMS: atom_id res chain seq x y z
N PRO A 3 -14.59 54.51 0.83
CA PRO A 3 -15.96 54.13 0.45
C PRO A 3 -16.11 52.66 0.03
N THR A 4 -16.64 51.82 0.93
CA THR A 4 -16.79 50.38 0.62
C THR A 4 -17.91 49.67 1.40
N ALA A 5 -19.01 49.40 0.70
CA ALA A 5 -20.25 48.90 1.29
C ALA A 5 -20.13 47.53 1.97
N LEU A 6 -21.03 47.31 2.93
CA LEU A 6 -21.01 46.12 3.78
C LEU A 6 -22.35 45.42 3.74
N GLN A 7 -22.28 44.09 3.87
CA GLN A 7 -23.46 43.24 3.79
C GLN A 7 -23.30 41.96 4.59
N ILE A 8 -24.44 41.44 5.02
CA ILE A 8 -24.54 40.08 5.53
C ILE A 8 -24.26 39.20 4.32
N LYS A 9 -23.48 38.14 4.53
CA LYS A 9 -22.96 37.37 3.41
C LYS A 9 -24.09 36.94 2.50
N PRO A 10 -23.85 37.04 1.19
CA PRO A 10 -24.94 36.87 0.23
C PRO A 10 -25.49 35.46 0.16
N HIS A 11 -24.84 34.49 0.80
CA HIS A 11 -25.39 33.14 0.81
C HIS A 11 -26.39 32.92 1.92
N PHE A 12 -26.61 33.95 2.74
CA PHE A 12 -27.63 33.90 3.78
C PHE A 12 -28.88 34.64 3.35
N HIS A 13 -30.03 34.02 3.53
CA HIS A 13 -31.31 34.72 3.49
C HIS A 13 -31.63 35.22 4.89
N VAL A 14 -31.61 36.55 5.05
CA VAL A 14 -31.90 37.18 6.31
C VAL A 14 -33.39 37.29 6.51
N GLU A 15 -33.87 36.82 7.67
CA GLU A 15 -35.27 36.94 8.04
C GLU A 15 -35.33 37.53 9.44
N ILE A 16 -35.85 38.75 9.53
CA ILE A 16 -35.90 39.50 10.78
C ILE A 16 -37.28 39.32 11.40
N ILE A 17 -37.33 38.81 12.62
CA ILE A 17 -38.60 38.62 13.32
C ILE A 17 -38.65 39.60 14.46
N GLU A 18 -39.46 40.62 14.25
CA GLU A 18 -39.15 41.98 14.66
C GLU A 18 -38.51 42.18 16.02
N PRO A 19 -39.25 41.97 17.11
CA PRO A 19 -38.72 42.57 18.35
C PRO A 19 -37.23 42.26 18.57
N LYS A 20 -36.85 40.98 18.54
CA LYS A 20 -35.56 40.57 19.10
C LYS A 20 -34.81 39.45 18.36
N GLN A 21 -35.37 38.97 17.25
CA GLN A 21 -34.87 37.77 16.58
C GLN A 21 -34.43 38.08 15.18
N VAL A 22 -33.35 37.45 14.77
CA VAL A 22 -32.90 37.45 13.38
C VAL A 22 -32.37 36.07 13.02
N TYR A 23 -32.73 35.59 11.84
CA TYR A 23 -32.31 34.29 11.41
C TYR A 23 -31.53 34.46 10.13
N LEU A 24 -30.36 33.83 10.05
CA LEU A 24 -29.58 33.76 8.84
C LEU A 24 -29.73 32.35 8.27
N LEU A 25 -30.40 32.24 7.14
CA LEU A 25 -30.74 30.94 6.57
C LEU A 25 -29.91 30.69 5.33
N GLY A 26 -29.14 29.62 5.36
CA GLY A 26 -28.29 29.23 4.24
C GLY A 26 -28.42 27.74 3.97
N GLU A 27 -28.25 27.35 2.72
CA GLU A 27 -28.54 25.98 2.35
C GLU A 27 -27.59 24.95 2.96
N GLN A 28 -26.43 25.39 3.45
CA GLN A 28 -25.50 24.48 4.14
C GLN A 28 -25.26 24.90 5.61
N GLY A 29 -26.26 25.53 6.23
CA GLY A 29 -26.12 25.99 7.61
C GLY A 29 -26.97 27.20 7.93
N ASN A 30 -27.60 27.16 9.10
CA ASN A 30 -28.36 28.27 9.65
C ASN A 30 -27.72 28.86 10.91
N HIS A 31 -28.14 30.08 11.26
CA HIS A 31 -27.66 30.78 12.44
C HIS A 31 -28.75 31.70 12.94
N ALA A 32 -28.83 31.86 14.25
CA ALA A 32 -29.75 32.81 14.82
C ALA A 32 -28.96 33.91 15.55
N LEU A 33 -29.49 35.12 15.50
CA LEU A 33 -28.96 36.21 16.31
C LEU A 33 -30.06 36.74 17.18
N THR A 34 -29.67 37.21 18.36
CA THR A 34 -30.61 37.64 19.37
C THR A 34 -30.23 39.04 19.87
N GLY A 35 -31.15 39.97 19.71
CA GLY A 35 -30.97 41.33 20.17
C GLY A 35 -31.78 42.29 19.35
N GLN A 36 -32.41 43.24 20.02
CA GLN A 36 -33.09 44.36 19.38
C GLN A 36 -32.14 45.14 18.49
N LEU A 37 -30.86 45.21 18.86
CA LEU A 37 -29.89 45.93 18.04
C LEU A 37 -29.76 45.30 16.66
N TYR A 38 -29.65 43.98 16.61
CA TYR A 38 -29.52 43.27 15.32
C TYR A 38 -30.71 43.55 14.42
N CYS A 39 -31.92 43.58 14.98
CA CYS A 39 -33.12 43.83 14.18
C CYS A 39 -33.14 45.24 13.59
N GLN A 40 -32.46 46.15 14.26
CA GLN A 40 -32.43 47.54 13.82
C GLN A 40 -31.34 47.87 12.82
N ILE A 41 -30.25 47.11 12.82
CA ILE A 41 -29.09 47.38 11.97
C ILE A 41 -29.11 46.55 10.67
N LEU A 42 -29.49 45.28 10.78
CA LEU A 42 -29.44 44.35 9.67
C LEU A 42 -30.28 44.71 8.44
N PRO A 43 -31.34 45.52 8.60
CA PRO A 43 -31.96 46.01 7.39
C PRO A 43 -30.99 46.81 6.53
N PHE A 44 -29.93 47.35 7.12
CA PHE A 44 -28.99 48.18 6.38
C PHE A 44 -27.72 47.45 5.96
N LEU A 45 -27.72 46.15 6.26
CA LEU A 45 -26.64 45.29 5.90
C LEU A 45 -27.08 44.43 4.73
N ASN A 46 -27.69 45.08 3.77
CA ASN A 46 -28.09 44.42 2.55
C ASN A 46 -27.14 44.83 1.42
N GLY A 47 -26.02 45.46 1.75
CA GLY A 47 -25.04 45.84 0.72
C GLY A 47 -25.29 47.19 0.07
N GLU A 48 -26.45 47.79 0.33
CA GLU A 48 -26.84 49.07 -0.26
C GLU A 48 -26.30 50.26 0.52
N TYR A 49 -25.60 50.03 1.62
CA TYR A 49 -25.16 51.12 2.51
C TYR A 49 -23.74 50.89 2.98
N THR A 50 -22.93 51.94 2.83
CA THR A 50 -21.63 51.99 3.45
C THR A 50 -21.80 52.28 4.94
N ARG A 51 -20.79 51.94 5.73
CA ARG A 51 -20.90 52.04 7.19
C ARG A 51 -21.11 53.50 7.66
N GLU A 52 -20.51 54.44 6.93
CA GLU A 52 -20.76 55.85 7.16
C GLU A 52 -22.23 56.13 7.01
N GLN A 53 -22.84 55.45 6.06
CA GLN A 53 -24.19 55.70 5.65
C GLN A 53 -25.21 54.97 6.52
N ILE A 54 -24.80 53.91 7.20
CA ILE A 54 -25.69 53.22 8.14
C ILE A 54 -25.91 54.07 9.39
N VAL A 55 -24.88 54.83 9.77
CA VAL A 55 -24.98 55.70 10.92
C VAL A 55 -26.04 56.79 10.68
N GLU A 56 -26.08 57.32 9.46
CA GLU A 56 -27.07 58.33 9.11
C GLU A 56 -28.47 57.84 9.38
N LYS A 57 -28.76 56.62 8.94
CA LYS A 57 -30.14 56.12 8.90
C LYS A 57 -30.64 55.83 10.30
N LEU A 58 -29.73 55.37 11.16
CA LEU A 58 -30.03 55.09 12.56
C LEU A 58 -29.62 56.24 13.48
N ASP A 59 -29.69 57.46 12.95
CA ASP A 59 -29.18 58.60 13.67
C ASP A 59 -29.79 58.72 15.06
N GLY A 60 -31.09 58.95 15.11
CA GLY A 60 -31.78 59.08 16.38
C GLY A 60 -31.95 57.79 17.15
N GLN A 61 -31.72 56.65 16.47
CA GLN A 61 -32.05 55.33 17.02
C GLN A 61 -30.92 54.73 17.84
N VAL A 62 -29.74 54.65 17.25
CA VAL A 62 -28.63 53.90 17.82
C VAL A 62 -27.36 54.75 17.74
N PRO A 63 -26.63 54.92 18.85
CA PRO A 63 -25.45 55.74 18.73
C PRO A 63 -24.37 55.03 17.92
N GLU A 64 -23.63 55.83 17.16
CA GLU A 64 -22.55 55.34 16.30
C GLU A 64 -21.71 54.23 16.95
N GLU A 65 -21.29 54.48 18.19
CA GLU A 65 -20.32 53.63 18.85
C GLU A 65 -20.81 52.19 19.00
N TYR A 66 -22.10 52.05 19.27
CA TYR A 66 -22.73 50.74 19.35
C TYR A 66 -22.91 50.10 17.97
N ILE A 67 -23.16 50.90 16.95
CA ILE A 67 -23.19 50.37 15.59
C ILE A 67 -21.81 49.76 15.25
N ASP A 68 -20.75 50.52 15.52
CA ASP A 68 -19.39 50.03 15.26
C ASP A 68 -19.12 48.73 15.98
N PHE A 69 -19.48 48.69 17.25
CA PHE A 69 -19.31 47.48 18.04
C PHE A 69 -20.08 46.29 17.46
N VAL A 70 -21.35 46.51 17.11
CA VAL A 70 -22.15 45.45 16.55
C VAL A 70 -21.59 44.98 15.22
N LEU A 71 -21.14 45.93 14.39
CA LEU A 71 -20.52 45.58 13.11
C LEU A 71 -19.23 44.74 13.31
N SER A 72 -18.45 45.09 14.34
CA SER A 72 -17.24 44.33 14.67
C SER A 72 -17.58 42.92 15.19
N ARG A 73 -18.66 42.81 15.95
CA ARG A 73 -19.14 41.51 16.42
C ARG A 73 -19.41 40.60 15.23
N LEU A 74 -20.16 41.11 14.27
CA LEU A 74 -20.59 40.35 13.09
C LEU A 74 -19.44 39.92 12.17
N VAL A 75 -18.35 40.68 12.14
CA VAL A 75 -17.14 40.32 11.39
C VAL A 75 -16.41 39.19 12.09
N GLU A 76 -16.20 39.37 13.39
CA GLU A 76 -15.64 38.34 14.27
C GLU A 76 -16.43 37.03 14.23
N LYS A 77 -17.75 37.12 14.08
CA LYS A 77 -18.60 35.94 13.99
C LYS A 77 -18.75 35.41 12.57
N GLY A 78 -18.10 36.06 11.61
CA GLY A 78 -18.15 35.63 10.21
C GLY A 78 -19.50 35.76 9.52
N TYR A 79 -20.32 36.74 9.89
CA TYR A 79 -21.60 36.97 9.20
C TYR A 79 -21.55 38.17 8.26
N LEU A 80 -20.41 38.85 8.19
CA LEU A 80 -20.35 40.12 7.47
C LEU A 80 -19.16 40.21 6.53
N THR A 81 -19.39 40.74 5.33
CA THR A 81 -18.35 40.79 4.33
C THR A 81 -18.48 42.07 3.48
N GLU A 82 -17.38 42.49 2.88
CA GLU A 82 -17.41 43.63 2.00
C GLU A 82 -18.05 43.25 0.69
N VAL A 83 -18.90 44.13 0.20
CA VAL A 83 -19.58 43.95 -1.08
C VAL A 83 -18.60 43.73 -2.22
N ALA A 84 -19.03 42.91 -3.19
CA ALA A 84 -18.31 42.70 -4.43
C ALA A 84 -19.17 43.18 -5.60
N PRO A 85 -19.08 44.49 -5.93
CA PRO A 85 -19.90 45.13 -7.00
C PRO A 85 -19.81 44.41 -8.37
N GLU A 86 -18.64 43.89 -8.68
CA GLU A 86 -18.34 43.32 -9.98
C GLU A 86 -18.80 41.84 -10.15
N LEU A 87 -19.81 41.44 -9.39
CA LEU A 87 -20.27 40.05 -9.30
C LEU A 87 -21.79 39.97 -9.07
N SER A 88 -22.45 38.96 -9.63
CA SER A 88 -23.80 38.59 -9.22
C SER A 88 -23.83 38.40 -7.73
N LEU A 89 -25.00 38.56 -7.12
CA LEU A 89 -25.23 38.01 -5.78
C LEU A 89 -25.12 36.49 -5.82
N GLU A 90 -25.72 35.89 -6.86
CA GLU A 90 -25.61 34.44 -7.13
C GLU A 90 -24.18 33.98 -6.98
N VAL A 91 -23.28 34.70 -7.64
CA VAL A 91 -21.86 34.34 -7.70
C VAL A 91 -21.17 34.69 -6.40
N ALA A 92 -21.42 35.89 -5.91
CA ALA A 92 -20.85 36.30 -4.63
C ALA A 92 -21.18 35.25 -3.58
N ALA A 93 -22.43 34.82 -3.57
CA ALA A 93 -22.91 33.81 -2.62
C ALA A 93 -22.10 32.53 -2.64
N PHE A 94 -21.63 32.13 -3.82
CA PHE A 94 -20.92 30.88 -3.95
C PHE A 94 -19.63 30.95 -3.19
N TRP A 95 -18.94 32.06 -3.44
CA TRP A 95 -17.63 32.29 -2.87
C TRP A 95 -17.74 32.55 -1.38
N SER A 96 -18.84 33.19 -0.95
CA SER A 96 -19.06 33.38 0.49
C SER A 96 -19.49 32.07 1.15
N GLU A 97 -20.29 31.24 0.46
CA GLU A 97 -20.61 29.91 0.98
C GLU A 97 -19.30 29.12 1.18
N LEU A 98 -18.25 29.44 0.42
CA LEU A 98 -16.93 28.82 0.61
C LEU A 98 -16.10 29.43 1.72
N GLY A 99 -16.55 30.55 2.29
CA GLY A 99 -15.85 31.23 3.39
C GLY A 99 -14.76 32.15 2.90
N ILE A 100 -15.12 33.07 2.00
CA ILE A 100 -14.16 33.90 1.28
C ILE A 100 -14.78 35.27 0.99
N ALA A 101 -14.00 36.32 1.14
CA ALA A 101 -14.43 37.66 0.72
C ALA A 101 -14.71 37.66 -0.78
N PRO A 102 -15.96 37.85 -1.15
CA PRO A 102 -16.13 37.90 -2.59
C PRO A 102 -15.38 39.08 -3.27
N SER A 103 -15.09 40.15 -2.53
CA SER A 103 -14.39 41.31 -3.11
C SER A 103 -13.06 40.91 -3.72
N VAL A 104 -12.38 40.03 -3.01
CA VAL A 104 -11.14 39.41 -3.46
C VAL A 104 -11.19 38.62 -4.80
N VAL A 105 -12.36 38.17 -5.21
CA VAL A 105 -12.43 37.15 -6.25
C VAL A 105 -12.07 37.60 -7.67
N ALA A 106 -12.72 38.66 -8.13
CA ALA A 106 -12.36 39.30 -9.40
C ALA A 106 -10.84 39.40 -9.65
N GLU A 107 -10.09 39.87 -8.66
CA GLU A 107 -8.63 39.91 -8.80
C GLU A 107 -7.94 38.54 -8.92
N GLY A 108 -8.45 37.55 -8.19
CA GLY A 108 -7.91 36.21 -8.29
C GLY A 108 -8.05 35.58 -9.66
N LEU A 109 -9.18 35.82 -10.32
CA LEU A 109 -9.51 35.21 -11.62
C LEU A 109 -8.98 35.96 -12.86
N LYS A 110 -8.52 37.19 -12.68
CA LYS A 110 -8.16 38.04 -13.81
C LYS A 110 -6.89 37.54 -14.49
N GLN A 111 -6.14 36.70 -13.81
CA GLN A 111 -4.94 36.12 -14.42
C GLN A 111 -5.25 35.08 -15.50
N PRO A 112 -4.30 34.90 -16.42
CA PRO A 112 -4.56 34.05 -17.56
C PRO A 112 -4.31 32.59 -17.28
N VAL A 113 -4.97 31.76 -18.07
CA VAL A 113 -4.90 30.32 -18.01
C VAL A 113 -4.84 29.84 -19.43
N THR A 114 -4.09 28.78 -19.68
CA THR A 114 -3.97 28.23 -21.02
C THR A 114 -4.49 26.79 -21.05
N VAL A 115 -5.01 26.35 -22.20
CA VAL A 115 -5.71 25.07 -22.38
C VAL A 115 -5.08 24.25 -23.50
N THR A 116 -4.78 22.97 -23.26
CA THR A 116 -4.05 22.15 -24.25
C THR A 116 -4.48 20.69 -24.21
N THR A 117 -3.92 19.90 -25.12
CA THR A 117 -4.24 18.50 -25.22
C THR A 117 -2.98 17.67 -25.11
N ALA A 118 -3.14 16.40 -24.70
CA ALA A 118 -2.00 15.53 -24.53
C ALA A 118 -1.98 14.53 -25.65
N GLY A 119 -3.02 13.73 -25.78
CA GLY A 119 -2.97 12.70 -26.83
C GLY A 119 -3.25 13.24 -28.22
N LYS A 120 -3.75 12.35 -29.07
CA LYS A 120 -4.35 12.74 -30.34
C LYS A 120 -5.88 12.62 -30.22
N GLY A 121 -6.38 12.33 -29.02
CA GLY A 121 -7.77 11.94 -28.85
C GLY A 121 -8.66 12.99 -28.25
N ILE A 122 -8.38 14.26 -28.51
CA ILE A 122 -9.22 15.34 -28.03
C ILE A 122 -9.54 16.24 -29.22
N ARG A 123 -10.78 16.17 -29.68
CA ARG A 123 -11.26 16.99 -30.80
C ARG A 123 -11.07 18.51 -30.54
N GLU A 124 -10.87 19.26 -31.62
CA GLU A 124 -10.58 20.69 -31.52
C GLU A 124 -11.61 21.50 -30.72
N GLY A 125 -12.89 21.22 -30.94
CA GLY A 125 -13.97 21.95 -30.29
C GLY A 125 -14.01 21.80 -28.78
N ILE A 126 -13.44 20.72 -28.26
CA ILE A 126 -13.51 20.46 -26.82
C ILE A 126 -12.68 21.49 -26.08
N VAL A 127 -11.52 21.83 -26.62
CA VAL A 127 -10.74 22.92 -26.05
C VAL A 127 -11.55 24.23 -26.09
N ALA A 128 -12.03 24.62 -27.26
CA ALA A 128 -12.92 25.77 -27.39
C ALA A 128 -14.06 25.76 -26.40
N ASN A 129 -14.62 24.58 -26.13
CA ASN A 129 -15.72 24.47 -25.16
C ASN A 129 -15.28 24.91 -23.78
N LEU A 130 -14.20 24.31 -23.30
CA LEU A 130 -13.66 24.68 -22.03
C LEU A 130 -13.20 26.15 -22.03
N ALA A 131 -12.56 26.57 -23.11
CA ALA A 131 -12.15 27.98 -23.21
C ALA A 131 -13.35 28.90 -22.91
N ALA A 132 -14.49 28.60 -23.53
CA ALA A 132 -15.74 29.36 -23.32
C ALA A 132 -16.20 29.33 -21.87
N ALA A 133 -16.32 28.14 -21.28
CA ALA A 133 -16.75 28.05 -19.88
C ALA A 133 -15.91 28.92 -18.95
N LEU A 134 -14.61 28.97 -19.20
CA LEU A 134 -13.71 29.74 -18.34
C LEU A 134 -13.89 31.24 -18.54
N GLU A 135 -14.05 31.66 -19.79
CA GLU A 135 -14.37 33.03 -20.05
C GLU A 135 -15.66 33.37 -19.31
N GLU A 136 -16.69 32.55 -19.47
CA GLU A 136 -17.98 32.79 -18.81
C GLU A 136 -17.85 32.82 -17.29
N ALA A 137 -16.83 32.16 -16.74
CA ALA A 137 -16.57 32.21 -15.31
C ALA A 137 -15.66 33.36 -14.92
N GLY A 138 -15.36 34.28 -15.83
CA GLY A 138 -14.51 35.42 -15.52
C GLY A 138 -12.99 35.24 -15.62
N ILE A 139 -12.53 34.21 -16.35
CA ILE A 139 -11.11 33.83 -16.43
C ILE A 139 -10.52 34.09 -17.83
N GLN A 140 -9.32 34.66 -17.88
CA GLN A 140 -8.63 34.93 -19.16
C GLN A 140 -8.07 33.67 -19.75
N VAL A 141 -8.26 33.44 -21.04
CA VAL A 141 -7.66 32.27 -21.69
C VAL A 141 -6.84 32.72 -22.87
N SER A 142 -5.68 32.10 -23.07
CA SER A 142 -4.76 32.51 -24.12
C SER A 142 -4.07 31.33 -24.81
N ASP A 143 -3.49 31.60 -25.98
CA ASP A 143 -2.81 30.56 -26.78
C ASP A 143 -1.44 30.18 -26.18
N PRO A 144 -1.15 28.87 -26.04
CA PRO A 144 0.21 28.47 -25.60
C PRO A 144 1.19 28.33 -26.76
N THR A 156 3.95 33.01 -19.30
CA THR A 156 2.87 34.00 -19.16
C THR A 156 1.75 33.44 -18.31
N ALA A 157 1.26 32.27 -18.70
CA ALA A 157 0.13 31.62 -18.05
C ALA A 157 0.50 31.11 -16.68
N GLN A 158 -0.46 31.07 -15.78
CA GLN A 158 -0.19 30.55 -14.45
C GLN A 158 -0.87 29.22 -14.16
N LEU A 159 -1.61 28.73 -15.13
CA LEU A 159 -2.12 27.39 -15.07
C LEU A 159 -2.23 26.89 -16.46
N GLN A 160 -1.73 25.69 -16.69
CA GLN A 160 -1.91 25.04 -17.94
C GLN A 160 -2.88 23.95 -17.64
N VAL A 161 -3.99 23.93 -18.37
CA VAL A 161 -4.96 22.87 -18.27
C VAL A 161 -4.72 21.94 -19.42
N VAL A 162 -4.65 20.64 -19.11
CA VAL A 162 -4.30 19.65 -20.10
C VAL A 162 -5.41 18.62 -20.20
N LEU A 163 -6.16 18.71 -21.30
CA LEU A 163 -7.22 17.76 -21.61
C LEU A 163 -6.59 16.56 -22.24
N THR A 164 -6.91 15.38 -21.72
CA THR A 164 -6.43 14.13 -22.30
C THR A 164 -7.53 13.09 -22.32
N ASP A 165 -7.35 12.05 -23.12
CA ASP A 165 -8.24 10.87 -23.08
C ASP A 165 -7.63 9.71 -22.30
N ASP A 166 -6.38 9.85 -21.86
CA ASP A 166 -5.73 8.86 -21.01
C ASP A 166 -4.55 9.41 -20.24
N TYR A 167 -4.48 9.05 -18.96
CA TYR A 167 -3.50 9.64 -18.06
C TYR A 167 -2.13 9.02 -18.23
N LEU A 168 -2.04 7.96 -19.03
CA LEU A 168 -0.74 7.38 -19.40
C LEU A 168 -0.31 7.73 -20.81
N GLN A 169 -1.04 8.66 -21.42
CA GLN A 169 -0.61 9.25 -22.67
C GLN A 169 0.88 9.61 -22.59
N PRO A 170 1.70 9.08 -23.51
CA PRO A 170 3.15 9.31 -23.53
C PRO A 170 3.56 10.76 -23.54
N GLU A 171 2.79 11.61 -24.18
CA GLU A 171 3.15 13.01 -24.31
C GLU A 171 3.30 13.75 -22.96
N LEU A 172 2.61 13.24 -21.94
CA LEU A 172 2.59 13.87 -20.63
C LEU A 172 3.96 13.92 -19.97
N ALA A 173 4.82 12.98 -20.31
CA ALA A 173 6.18 12.99 -19.76
C ALA A 173 6.94 14.27 -20.15
N ALA A 174 6.81 14.68 -21.40
CA ALA A 174 7.47 15.89 -21.88
C ALA A 174 6.89 17.11 -21.19
N ILE A 175 5.56 17.10 -21.04
CA ILE A 175 4.76 18.19 -20.49
C ILE A 175 5.09 18.41 -19.03
N ASN A 176 5.13 17.29 -18.30
CA ASN A 176 5.61 17.22 -16.93
C ASN A 176 7.02 17.81 -16.76
N LYS A 177 7.91 17.57 -17.72
CA LYS A 177 9.26 18.11 -17.63
C LYS A 177 9.27 19.60 -17.85
N GLU A 178 8.54 20.03 -18.86
CA GLU A 178 8.38 21.44 -19.13
C GLU A 178 7.92 22.16 -17.90
N ALA A 179 6.86 21.64 -17.29
CA ALA A 179 6.28 22.31 -16.15
C ALA A 179 7.22 22.26 -14.95
N LEU A 180 7.98 21.18 -14.80
CA LEU A 180 8.92 21.14 -13.69
C LEU A 180 9.99 22.19 -13.88
N GLU A 181 10.57 22.29 -15.07
CA GLU A 181 11.61 23.28 -15.28
C GLU A 181 11.09 24.71 -15.41
N ARG A 182 9.82 24.89 -15.74
CA ARG A 182 9.17 26.21 -15.65
C ARG A 182 8.49 26.54 -14.32
N GLN A 183 8.49 25.61 -13.36
CA GLN A 183 7.80 25.81 -12.07
C GLN A 183 6.37 26.28 -12.30
N GLN A 184 5.68 25.63 -13.23
CA GLN A 184 4.36 26.07 -13.67
C GLN A 184 3.21 25.07 -13.45
N PRO A 185 2.27 25.42 -12.57
CA PRO A 185 1.14 24.55 -12.28
C PRO A 185 0.42 24.11 -13.51
N TRP A 186 -0.07 22.89 -13.49
CA TRP A 186 -0.90 22.42 -14.58
C TRP A 186 -1.87 21.42 -14.02
N LEU A 187 -2.98 21.26 -14.72
CA LEU A 187 -4.09 20.44 -14.29
C LEU A 187 -4.45 19.45 -15.37
N LEU A 188 -4.53 18.17 -15.02
CA LEU A 188 -5.03 17.15 -15.95
C LEU A 188 -6.53 17.01 -15.82
N VAL A 189 -7.20 16.77 -16.96
CA VAL A 189 -8.63 16.51 -17.04
C VAL A 189 -8.91 15.49 -18.15
N LYS A 190 -9.66 14.45 -17.81
CA LYS A 190 -10.22 13.56 -18.82
C LYS A 190 -11.72 13.75 -18.81
N PRO A 191 -12.23 14.53 -19.76
CA PRO A 191 -13.67 14.78 -19.87
C PRO A 191 -14.38 13.80 -20.82
N VAL A 192 -13.63 13.03 -21.59
CA VAL A 192 -14.25 12.01 -22.45
C VAL A 192 -14.34 10.67 -21.72
N GLY A 193 -15.16 9.77 -22.25
CA GLY A 193 -15.38 8.51 -21.57
C GLY A 193 -16.53 8.49 -20.55
N SER A 194 -16.88 7.29 -20.13
CA SER A 194 -17.96 7.05 -19.17
C SER A 194 -17.58 7.44 -17.74
N ILE A 195 -16.28 7.67 -17.50
CA ILE A 195 -15.86 8.15 -16.19
C ILE A 195 -14.97 9.36 -16.36
N LEU A 196 -15.33 10.44 -15.68
CA LEU A 196 -14.68 11.73 -15.84
C LEU A 196 -13.62 11.82 -14.78
N TRP A 197 -12.42 12.27 -15.15
CA TRP A 197 -11.33 12.39 -14.22
C TRP A 197 -10.94 13.85 -14.13
N LEU A 198 -10.89 14.38 -12.92
CA LEU A 198 -10.30 15.70 -12.68
C LEU A 198 -9.01 15.63 -11.89
N GLY A 199 -8.03 16.39 -12.30
CA GLY A 199 -6.77 16.44 -11.60
C GLY A 199 -5.86 15.23 -11.84
N PRO A 200 -4.73 15.19 -11.15
CA PRO A 200 -4.32 16.17 -10.16
C PRO A 200 -4.06 17.50 -10.79
N LEU A 201 -4.22 18.53 -9.99
CA LEU A 201 -3.58 19.78 -10.29
C LEU A 201 -2.17 19.65 -9.73
N PHE A 202 -1.21 19.60 -10.63
CA PHE A 202 0.17 19.48 -10.26
C PHE A 202 0.74 20.87 -10.02
N VAL A 203 1.47 21.03 -8.91
CA VAL A 203 2.12 22.29 -8.49
C VAL A 203 3.59 21.99 -8.16
N PRO A 204 4.49 22.22 -9.12
CA PRO A 204 5.88 21.80 -9.07
C PRO A 204 6.66 21.88 -7.76
N GLY A 205 6.44 22.86 -6.91
CA GLY A 205 7.16 22.80 -5.62
C GLY A 205 6.60 21.87 -4.54
N GLU A 206 5.34 21.47 -4.73
CA GLU A 206 4.51 21.08 -3.62
C GLU A 206 3.87 19.70 -3.78
N THR A 207 3.31 19.41 -4.95
CA THR A 207 2.66 18.13 -5.19
C THR A 207 3.63 17.11 -5.79
N GLY A 208 3.08 15.95 -6.15
CA GLY A 208 3.78 14.96 -6.97
C GLY A 208 3.88 15.43 -8.40
N CYS A 209 4.74 14.79 -9.19
CA CYS A 209 4.73 15.08 -10.62
C CYS A 209 3.83 14.03 -11.28
N TRP A 210 3.63 14.17 -12.60
CA TRP A 210 2.85 13.18 -13.35
C TRP A 210 3.45 11.79 -13.31
N HIS A 211 4.78 11.73 -13.34
CA HIS A 211 5.51 10.46 -13.13
C HIS A 211 5.29 9.83 -11.75
N CYS A 212 4.98 10.62 -10.73
CA CYS A 212 4.60 10.03 -9.44
C CYS A 212 3.33 9.22 -9.62
N LEU A 213 2.40 9.83 -10.35
CA LEU A 213 1.12 9.22 -10.69
C LEU A 213 1.35 8.00 -11.59
N ALA A 214 2.10 8.18 -12.66
CA ALA A 214 2.25 7.16 -13.66
C ALA A 214 2.89 5.85 -13.19
N GLN A 215 3.92 5.86 -12.33
CA GLN A 215 4.49 4.56 -11.92
C GLN A 215 3.48 3.76 -11.10
N ARG A 216 2.49 4.45 -10.50
CA ARG A 216 1.43 3.79 -9.75
C ARG A 216 0.34 3.28 -10.66
N LEU A 217 -0.12 4.17 -11.53
CA LEU A 217 -1.14 3.86 -12.51
C LEU A 217 -0.71 2.73 -13.46
N GLN A 218 0.56 2.70 -13.91
CA GLN A 218 1.02 1.60 -14.76
C GLN A 218 0.91 0.30 -13.97
N GLY A 219 1.01 0.40 -12.65
CA GLY A 219 0.92 -0.76 -11.78
C GLY A 219 -0.47 -1.33 -11.67
N ASN A 220 -1.46 -0.49 -12.02
CA ASN A 220 -2.87 -0.86 -12.04
C ASN A 220 -3.39 -1.07 -13.48
N ARG A 221 -2.49 -1.27 -14.43
CA ARG A 221 -2.87 -1.59 -15.80
C ARG A 221 -1.99 -2.72 -16.29
N GLU A 222 -1.86 -3.72 -15.43
CA GLU A 222 -1.07 -4.90 -15.73
C GLU A 222 -1.42 -5.44 -17.14
N VAL A 223 -2.73 -5.52 -17.45
CA VAL A 223 -3.22 -6.05 -18.73
C VAL A 223 -2.84 -5.17 -19.90
N GLU A 224 -3.24 -3.91 -19.82
CA GLU A 224 -3.04 -2.94 -20.88
C GLU A 224 -1.54 -2.86 -21.22
N ALA A 225 -0.69 -2.94 -20.21
CA ALA A 225 0.74 -3.02 -20.47
C ALA A 225 1.06 -4.27 -21.27
N SER A 226 0.58 -5.41 -20.79
CA SER A 226 0.82 -6.71 -21.43
C SER A 226 0.40 -6.79 -22.91
N VAL A 227 -0.75 -6.20 -23.25
CA VAL A 227 -1.22 -6.20 -24.63
C VAL A 227 -0.24 -5.41 -25.48
N LEU A 228 0.15 -4.25 -24.96
CA LEU A 228 1.07 -3.36 -25.65
C LEU A 228 2.41 -4.06 -25.94
N GLN A 229 2.93 -4.75 -24.94
CA GLN A 229 4.14 -5.53 -25.11
C GLN A 229 3.98 -6.55 -26.24
N GLN A 230 2.93 -7.36 -26.17
CA GLN A 230 2.65 -8.38 -27.19
C GLN A 230 2.47 -7.79 -28.58
N LYS A 231 1.82 -6.64 -28.65
CA LYS A 231 1.66 -5.92 -29.91
C LYS A 231 3.00 -5.48 -30.49
N ARG A 232 3.89 -4.95 -29.64
CA ARG A 232 5.21 -4.48 -30.08
C ARG A 232 6.15 -5.61 -30.50
N ALA A 233 6.14 -6.72 -29.77
CA ALA A 233 6.88 -7.93 -30.21
C ALA A 233 6.56 -8.27 -31.66
N LEU A 234 5.27 -8.29 -31.95
CA LEU A 234 4.77 -8.67 -33.26
C LEU A 234 5.20 -7.68 -34.36
N GLN A 235 5.45 -6.43 -33.98
CA GLN A 235 5.50 -5.31 -34.93
C GLN A 235 6.46 -5.43 -36.11
N GLU A 236 5.95 -4.94 -37.26
CA GLU A 236 6.67 -4.79 -38.53
C GLU A 236 7.34 -6.09 -38.98
N ARG A 237 6.59 -7.18 -38.87
CA ARG A 237 7.04 -8.51 -39.25
C ARG A 237 5.88 -9.49 -39.17
N PRO A 250 -3.91 2.88 -26.61
CA PRO A 250 -4.41 2.94 -28.01
C PRO A 250 -5.95 2.81 -28.09
N THR A 251 -6.64 3.64 -27.29
CA THR A 251 -7.97 3.36 -26.69
C THR A 251 -9.29 3.88 -27.39
N ALA A 252 -10.45 3.37 -26.96
CA ALA A 252 -11.80 3.83 -27.40
C ALA A 252 -12.57 4.54 -26.24
N ARG A 253 -13.58 5.36 -26.57
CA ARG A 253 -14.19 6.26 -25.57
C ARG A 253 -15.67 6.62 -25.75
N ALA A 254 -16.49 6.25 -24.78
CA ALA A 254 -17.90 6.63 -24.76
C ALA A 254 -18.09 8.06 -24.30
N THR A 255 -18.91 8.82 -25.01
CA THR A 255 -19.06 10.25 -24.74
C THR A 255 -20.40 10.71 -25.29
N LEU A 256 -21.30 11.12 -24.40
CA LEU A 256 -22.44 11.91 -24.82
C LEU A 256 -22.01 13.36 -24.74
N PRO A 257 -22.63 14.24 -25.55
CA PRO A 257 -22.35 15.66 -25.34
C PRO A 257 -22.59 16.08 -23.91
N SER A 258 -23.66 15.56 -23.31
CA SER A 258 -24.02 15.89 -21.94
C SER A 258 -22.93 15.49 -20.94
N THR A 259 -22.26 14.35 -21.14
CA THR A 259 -21.23 13.95 -20.20
C THR A 259 -19.98 14.75 -20.43
N LEU A 260 -19.67 15.01 -21.70
CA LEU A 260 -18.54 15.84 -22.02
C LEU A 260 -18.76 17.17 -21.31
N GLN A 261 -19.93 17.76 -21.53
CA GLN A 261 -20.15 19.09 -21.05
C GLN A 261 -20.14 19.17 -19.53
N THR A 262 -20.55 18.09 -18.90
CA THR A 262 -20.55 18.03 -17.45
C THR A 262 -19.11 18.19 -16.97
N GLY A 263 -18.21 17.36 -17.49
CA GLY A 263 -16.81 17.34 -17.09
C GLY A 263 -16.13 18.68 -17.28
N LEU A 264 -16.37 19.31 -18.41
CA LEU A 264 -15.72 20.58 -18.71
C LEU A 264 -16.21 21.65 -17.75
N GLN A 265 -17.49 21.63 -17.52
CA GLN A 265 -18.10 22.60 -16.66
C GLN A 265 -17.68 22.42 -15.18
N TRP A 266 -17.64 21.18 -14.74
CA TRP A 266 -17.13 20.85 -13.43
C TRP A 266 -15.70 21.32 -13.27
N ALA A 267 -14.90 21.12 -14.30
CA ALA A 267 -13.51 21.54 -14.27
C ALA A 267 -13.41 23.05 -14.11
N ALA A 268 -14.22 23.77 -14.88
CA ALA A 268 -14.21 25.22 -14.78
C ALA A 268 -14.48 25.61 -13.34
N THR A 269 -15.52 25.04 -12.72
CA THR A 269 -15.75 25.32 -11.32
C THR A 269 -14.43 25.17 -10.54
N GLU A 270 -13.77 24.04 -10.75
CA GLU A 270 -12.62 23.70 -9.94
C GLU A 270 -11.43 24.60 -10.18
N ILE A 271 -11.15 24.88 -11.45
CA ILE A 271 -10.09 25.81 -11.82
C ILE A 271 -10.28 27.15 -11.11
N ALA A 272 -11.49 27.69 -11.18
CA ALA A 272 -11.85 28.91 -10.51
C ALA A 272 -11.42 28.84 -9.06
N LYS A 273 -11.90 27.81 -8.36
CA LYS A 273 -11.60 27.62 -6.93
C LYS A 273 -10.11 27.67 -6.66
N TRP A 274 -9.32 26.94 -7.46
CA TRP A 274 -7.86 26.92 -7.31
C TRP A 274 -7.18 28.27 -7.54
N MET A 275 -7.74 29.08 -8.42
CA MET A 275 -7.13 30.38 -8.70
C MET A 275 -7.42 31.37 -7.62
N VAL A 276 -8.60 31.26 -7.02
CA VAL A 276 -8.93 32.08 -5.89
C VAL A 276 -8.08 31.65 -4.71
N LYS A 277 -7.88 30.34 -4.54
CA LYS A 277 -7.07 29.87 -3.43
C LYS A 277 -5.66 30.41 -3.63
N ARG A 278 -5.13 30.17 -4.84
CA ARG A 278 -3.81 30.64 -5.20
C ARG A 278 -3.61 32.08 -4.78
N HIS A 279 -4.63 32.90 -5.01
CA HIS A 279 -4.55 34.33 -4.80
C HIS A 279 -4.52 34.68 -3.32
N LEU A 280 -5.50 34.18 -2.58
CA LEU A 280 -5.56 34.44 -1.15
C LEU A 280 -4.26 34.06 -0.48
N ASN A 281 -3.73 32.90 -0.85
CA ASN A 281 -2.53 32.38 -0.23
C ASN A 281 -1.23 33.08 -0.63
N ALA A 282 -1.17 33.63 -1.83
CA ALA A 282 -0.06 34.51 -2.22
C ALA A 282 0.04 35.64 -1.21
N ILE A 283 -1.11 36.26 -0.97
CA ILE A 283 -1.29 37.37 -0.04
C ILE A 283 -1.06 36.99 1.42
N ALA A 284 -1.49 35.78 1.81
CA ALA A 284 -1.46 35.35 3.21
C ALA A 284 -1.32 33.83 3.32
N PRO A 285 -0.07 33.33 3.30
CA PRO A 285 0.17 31.88 3.24
C PRO A 285 -0.68 31.09 4.25
N GLY A 286 -1.36 30.05 3.78
CA GLY A 286 -2.26 29.24 4.60
C GLY A 286 -3.57 29.90 5.05
N THR A 287 -3.97 30.99 4.40
CA THR A 287 -5.24 31.67 4.72
C THR A 287 -6.49 30.94 4.21
N ALA A 288 -6.36 30.30 3.04
CA ALA A 288 -7.48 29.68 2.36
C ALA A 288 -7.44 28.17 2.59
N ARG A 289 -8.48 27.64 3.22
CA ARG A 289 -8.45 26.25 3.65
C ARG A 289 -9.39 25.34 2.85
N PHE A 290 -10.20 25.88 1.96
CA PHE A 290 -11.16 25.05 1.24
C PHE A 290 -10.43 24.12 0.27
N PRO A 291 -11.02 22.97 -0.03
CA PRO A 291 -10.33 21.98 -0.85
C PRO A 291 -10.33 22.29 -2.35
N THR A 292 -9.23 21.95 -3.02
CA THR A 292 -9.07 22.13 -4.49
C THR A 292 -8.51 20.85 -5.08
N LEU A 293 -8.30 20.83 -6.38
CA LEU A 293 -7.74 19.66 -7.07
C LEU A 293 -6.25 19.41 -6.86
N ALA A 294 -5.56 20.33 -6.18
CA ALA A 294 -4.15 20.16 -5.87
C ALA A 294 -3.88 18.77 -5.35
N GLY A 295 -3.01 18.02 -6.03
CA GLY A 295 -2.60 16.68 -5.62
C GLY A 295 -3.70 15.66 -5.46
N LYS A 296 -4.74 15.76 -6.27
CA LYS A 296 -5.93 14.93 -6.13
C LYS A 296 -6.55 14.60 -7.46
N ILE A 297 -7.08 13.38 -7.57
CA ILE A 297 -7.91 13.02 -8.70
C ILE A 297 -9.30 12.70 -8.20
N PHE A 298 -10.28 13.15 -8.97
CA PHE A 298 -11.67 12.80 -8.75
C PHE A 298 -12.17 12.08 -9.98
N THR A 299 -12.90 10.99 -9.76
CA THR A 299 -13.55 10.27 -10.82
C THR A 299 -15.06 10.31 -10.60
N PHE A 300 -15.79 10.63 -11.66
CA PHE A 300 -17.24 10.72 -11.63
C PHE A 300 -17.78 9.74 -12.67
N ASN A 301 -18.30 8.62 -12.22
CA ASN A 301 -18.74 7.57 -13.12
C ASN A 301 -20.13 7.83 -13.63
N GLN A 302 -20.30 7.87 -14.95
CA GLN A 302 -21.55 8.30 -15.54
C GLN A 302 -22.54 7.17 -15.67
N THR A 303 -22.05 5.96 -15.56
CA THR A 303 -22.92 4.80 -15.69
C THR A 303 -23.46 4.37 -14.34
N THR A 304 -22.62 4.47 -13.30
CA THR A 304 -23.01 4.12 -11.92
C THR A 304 -23.08 5.30 -10.94
N LEU A 305 -23.01 6.53 -11.43
CA LEU A 305 -23.15 7.71 -10.56
C LEU A 305 -22.33 7.61 -9.27
N GLU A 306 -21.06 7.29 -9.40
CA GLU A 306 -20.21 7.17 -8.24
C GLU A 306 -19.13 8.22 -8.31
N LEU A 307 -18.94 8.93 -7.21
CA LEU A 307 -17.87 9.92 -7.09
C LEU A 307 -16.78 9.44 -6.14
N LYS A 308 -15.54 9.47 -6.61
CA LYS A 308 -14.47 8.96 -5.79
C LYS A 308 -13.25 9.85 -5.84
N ALA A 309 -12.54 9.92 -4.71
CA ALA A 309 -11.34 10.73 -4.58
C ALA A 309 -10.15 9.81 -4.50
N HIS A 310 -9.07 10.23 -5.15
CA HIS A 310 -7.84 9.46 -5.21
C HIS A 310 -6.69 10.41 -4.98
N PRO A 311 -5.98 10.23 -3.86
CA PRO A 311 -4.98 11.23 -3.49
C PRO A 311 -3.63 10.91 -4.10
N LEU A 312 -3.01 11.84 -4.81
CA LEU A 312 -1.68 11.63 -5.37
C LEU A 312 -0.57 11.82 -4.31
N SER A 313 0.27 10.81 -4.09
CA SER A 313 1.41 10.92 -3.20
C SER A 313 2.63 11.34 -3.98
N ARG A 314 3.43 12.23 -3.41
CA ARG A 314 4.68 12.65 -4.04
C ARG A 314 5.76 11.68 -3.61
N ARG A 315 6.34 10.98 -4.57
CA ARG A 315 7.22 9.87 -4.28
C ARG A 315 8.64 10.36 -4.04
N PRO A 316 9.14 10.23 -2.81
CA PRO A 316 10.49 10.73 -2.53
C PRO A 316 11.53 10.29 -3.54
N GLN A 317 11.41 9.09 -4.07
CA GLN A 317 12.44 8.53 -4.94
C GLN A 317 12.10 8.66 -6.43
N CYS A 318 11.16 9.56 -6.73
CA CYS A 318 10.70 9.68 -8.07
C CYS A 318 11.87 10.03 -8.93
N PRO A 319 12.18 9.20 -9.93
CA PRO A 319 13.28 9.53 -10.85
C PRO A 319 13.18 10.92 -11.49
N THR A 320 11.97 11.35 -11.82
CA THR A 320 11.80 12.66 -12.44
C THR A 320 11.88 13.83 -11.45
N CYS A 321 11.09 13.82 -10.38
CA CYS A 321 11.05 14.97 -9.48
C CYS A 321 11.63 14.72 -8.08
N GLY A 322 12.31 13.59 -7.88
CA GLY A 322 12.85 13.24 -6.58
C GLY A 322 14.27 12.75 -6.65
N ASP A 323 14.63 11.82 -5.75
CA ASP A 323 15.98 11.25 -5.69
C ASP A 323 15.98 9.76 -6.09
N ARG A 324 16.39 9.50 -7.32
CA ARG A 324 16.40 8.15 -7.85
C ARG A 324 17.36 7.26 -7.07
N GLU A 325 18.50 7.82 -6.67
CA GLU A 325 19.55 7.02 -6.03
C GLU A 325 19.23 6.63 -4.60
N THR A 326 18.10 7.08 -4.07
CA THR A 326 17.71 6.81 -2.68
C THR A 326 17.94 5.36 -2.24
N LEU A 327 17.30 4.42 -2.91
CA LEU A 327 17.44 3.03 -2.51
C LEU A 327 18.84 2.51 -2.83
N GLN A 328 19.36 2.87 -4.00
CA GLN A 328 20.74 2.54 -4.33
C GLN A 328 21.66 2.88 -3.15
N ARG A 329 21.55 4.10 -2.64
CA ARG A 329 22.35 4.57 -1.50
C ARG A 329 22.13 3.74 -0.24
N ARG A 330 20.88 3.62 0.18
CA ARG A 330 20.53 2.97 1.44
C ARG A 330 21.00 1.54 1.46
N GLY A 331 20.91 0.88 0.32
CA GLY A 331 21.25 -0.53 0.21
C GLY A 331 22.68 -0.85 0.58
N PHE A 332 23.58 0.09 0.31
CA PHE A 332 24.99 -0.05 0.60
C PHE A 332 25.38 0.59 1.93
N GLU A 333 24.47 1.31 2.57
CA GLU A 333 24.75 1.81 3.93
C GLU A 333 24.40 0.73 4.93
N PRO A 334 25.06 0.74 6.10
CA PRO A 334 24.83 -0.38 7.01
C PRO A 334 23.46 -0.30 7.68
N LEU A 335 22.95 -1.44 8.06
CA LEU A 335 21.61 -1.48 8.60
C LEU A 335 21.66 -0.97 10.03
N LYS A 336 20.63 -0.24 10.44
CA LYS A 336 20.61 0.42 11.74
C LYS A 336 19.40 -0.02 12.54
N LEU A 337 19.61 -0.87 13.53
CA LEU A 337 18.54 -1.37 14.37
C LEU A 337 18.63 -0.84 15.80
N GLU A 338 17.48 -0.60 16.44
CA GLU A 338 17.45 -0.01 17.77
C GLU A 338 16.73 -0.90 18.74
N SER A 339 16.67 -0.46 20.00
CA SER A 339 15.82 -1.08 20.99
C SER A 339 14.35 -0.87 20.60
N ARG A 340 13.52 -1.85 20.96
CA ARG A 340 12.09 -1.83 20.71
C ARG A 340 11.38 -2.53 21.85
N PRO A 341 11.24 -1.87 23.00
CA PRO A 341 10.47 -2.51 24.06
C PRO A 341 9.00 -2.60 23.68
N LYS A 342 8.25 -3.36 24.46
CA LYS A 342 6.81 -3.48 24.25
C LYS A 342 6.08 -2.59 25.26
N HIS A 343 6.28 -1.29 25.06
CA HIS A 343 5.67 -0.20 25.82
C HIS A 343 5.25 -0.59 27.23
N PRO A 355 -3.45 -2.70 15.25
CA PRO A 355 -4.92 -2.80 15.26
C PRO A 355 -5.54 -2.52 13.88
N GLU A 356 -6.87 -2.45 13.83
CA GLU A 356 -7.56 -1.98 12.61
C GLU A 356 -7.35 -0.47 12.37
N GLN A 357 -6.63 0.17 13.29
CA GLN A 357 -6.14 1.53 13.08
C GLN A 357 -5.09 1.61 11.97
N THR A 358 -4.37 0.51 11.73
CA THR A 358 -3.43 0.41 10.62
C THR A 358 -4.08 0.79 9.28
N VAL A 359 -5.30 0.30 9.07
CA VAL A 359 -6.01 0.46 7.81
C VAL A 359 -6.24 1.94 7.46
N GLN A 360 -6.32 2.80 8.49
CA GLN A 360 -6.40 4.24 8.30
C GLN A 360 -5.04 4.76 7.86
N LYS A 361 -3.99 4.35 8.57
CA LYS A 361 -2.64 4.82 8.27
C LYS A 361 -2.27 4.63 6.80
N TYR A 362 -2.58 3.46 6.24
CA TYR A 362 -2.24 3.11 4.87
C TYR A 362 -3.44 3.13 3.91
N GLN A 363 -4.49 3.86 4.28
CA GLN A 363 -5.68 4.04 3.46
C GLN A 363 -5.36 4.61 2.08
N HIS A 364 -4.62 5.72 2.05
CA HIS A 364 -4.18 6.35 0.78
C HIS A 364 -3.48 5.44 -0.27
N LEU A 365 -3.14 4.21 0.12
CA LEU A 365 -2.54 3.21 -0.78
C LEU A 365 -3.57 2.25 -1.34
N ILE A 366 -4.79 2.29 -0.81
CA ILE A 366 -5.83 1.40 -1.32
C ILE A 366 -6.57 2.13 -2.44
N GLY A 367 -6.35 1.69 -3.68
CA GLY A 367 -7.13 2.22 -4.79
C GLY A 367 -6.65 1.84 -6.17
N PRO A 368 -7.57 1.86 -7.12
CA PRO A 368 -7.34 1.47 -8.51
C PRO A 368 -6.45 2.40 -9.33
N ILE A 369 -6.32 3.67 -8.93
CA ILE A 369 -5.56 4.62 -9.74
C ILE A 369 -4.28 4.97 -9.05
N THR A 370 -4.47 5.67 -7.94
CA THR A 370 -3.44 6.28 -7.13
C THR A 370 -2.69 5.24 -6.29
N GLY A 371 -3.41 4.20 -5.85
CA GLY A 371 -2.88 3.19 -4.93
C GLY A 371 -1.95 2.11 -5.49
N VAL A 372 -1.27 1.43 -4.57
CA VAL A 372 -0.46 0.24 -4.88
C VAL A 372 -1.19 -1.08 -4.65
N VAL A 373 -2.28 -1.02 -3.89
CA VAL A 373 -3.00 -2.19 -3.43
C VAL A 373 -4.43 -1.89 -3.76
N THR A 374 -5.23 -2.91 -4.01
CA THR A 374 -6.56 -2.62 -4.46
C THR A 374 -7.67 -3.34 -3.67
N GLU A 375 -8.91 -3.04 -4.04
CA GLU A 375 -10.13 -3.64 -3.49
C GLU A 375 -10.48 -2.97 -2.17
N LEU A 376 -10.97 -3.73 -1.17
CA LEU A 376 -11.06 -3.23 0.20
C LEU A 376 -9.67 -3.36 0.84
N VAL A 377 -8.97 -4.44 0.52
CA VAL A 377 -7.63 -4.78 1.06
C VAL A 377 -7.08 -6.06 0.39
N ARG A 378 -7.87 -7.13 0.48
CA ARG A 378 -7.48 -8.49 0.06
C ARG A 378 -8.60 -9.48 0.42
N SER A 423 -8.66 -6.67 11.44
CA SER A 423 -8.75 -8.06 11.00
C SER A 423 -8.16 -8.21 9.59
N ARG A 424 -8.82 -7.61 8.60
CA ARG A 424 -8.32 -7.52 7.21
C ARG A 424 -7.02 -6.74 7.09
N ALA A 425 -6.69 -5.92 8.09
CA ALA A 425 -5.40 -5.22 8.16
C ALA A 425 -4.20 -6.18 8.13
N SER A 426 -4.49 -7.47 8.35
CA SER A 426 -3.51 -8.53 8.12
C SER A 426 -3.18 -8.69 6.62
N GLY A 427 -4.22 -8.74 5.77
CA GLY A 427 -4.09 -8.94 4.32
C GLY A 427 -3.65 -7.68 3.61
N LEU A 428 -3.81 -6.54 4.28
CA LEU A 428 -3.32 -5.25 3.81
C LEU A 428 -1.80 -5.19 3.92
N CYS A 429 -1.28 -5.47 5.11
CA CYS A 429 0.17 -5.52 5.32
C CYS A 429 0.80 -6.48 4.33
N GLU A 430 0.15 -7.62 4.09
CA GLU A 430 0.72 -8.61 3.22
C GLU A 430 0.70 -8.15 1.78
N ALA A 431 -0.34 -7.44 1.39
CA ALA A 431 -0.41 -6.90 0.04
C ALA A 431 0.62 -5.80 -0.19
N ILE A 432 0.70 -4.87 0.76
CA ILE A 432 1.70 -3.83 0.71
C ILE A 432 3.10 -4.45 0.73
N GLU A 433 3.27 -5.51 1.53
CA GLU A 433 4.53 -6.27 1.61
C GLU A 433 4.93 -6.78 0.24
N ARG A 434 3.99 -7.41 -0.45
CA ARG A 434 4.29 -8.03 -1.73
C ARG A 434 4.63 -7.00 -2.77
N TYR A 435 3.87 -5.91 -2.81
CA TYR A 435 4.16 -4.79 -3.70
C TYR A 435 5.60 -4.24 -3.53
N SER A 436 6.00 -4.00 -2.29
CA SER A 436 7.33 -3.47 -2.02
C SER A 436 8.41 -4.35 -2.65
N GLY A 437 8.17 -5.67 -2.68
CA GLY A 437 9.13 -6.63 -3.25
C GLY A 437 9.31 -6.51 -4.75
N ILE A 438 8.31 -5.97 -5.42
CA ILE A 438 8.36 -5.87 -6.87
C ILE A 438 9.46 -4.92 -7.32
N PHE A 439 10.27 -5.41 -8.24
CA PHE A 439 11.46 -4.73 -8.74
C PHE A 439 11.05 -3.52 -9.54
N GLN A 440 11.42 -2.35 -9.07
CA GLN A 440 11.09 -1.14 -9.76
C GLN A 440 12.17 -0.74 -10.75
N GLY A 441 13.43 -1.01 -10.45
CA GLY A 441 14.53 -0.41 -11.22
C GLY A 441 15.53 0.39 -10.40
N ASP A 442 15.12 0.96 -9.26
CA ASP A 442 16.00 1.75 -8.34
C ASP A 442 16.79 0.94 -7.31
N GLU A 443 16.61 -0.38 -7.29
CA GLU A 443 17.13 -1.21 -6.22
C GLU A 443 18.67 -1.29 -6.21
N PRO A 444 19.28 -1.38 -5.03
CA PRO A 444 20.75 -1.42 -4.96
C PRO A 444 21.33 -2.66 -5.63
N ARG A 445 22.37 -2.47 -6.45
CA ARG A 445 23.02 -3.61 -7.09
C ARG A 445 24.40 -3.31 -7.66
N LYS A 446 25.17 -4.37 -7.90
CA LYS A 446 26.46 -4.28 -8.57
C LYS A 446 26.55 -5.37 -9.65
N ARG A 447 26.89 -4.98 -10.88
CA ARG A 447 27.07 -5.90 -12.00
C ARG A 447 28.46 -6.51 -11.89
N ALA A 448 28.51 -7.80 -11.60
CA ALA A 448 29.80 -8.45 -11.41
C ALA A 448 29.69 -9.95 -11.58
N THR A 449 30.84 -10.57 -11.77
CA THR A 449 30.91 -12.01 -11.77
C THR A 449 31.07 -12.50 -10.36
N LEU A 450 30.59 -13.71 -10.14
CA LEU A 450 30.83 -14.40 -8.88
C LEU A 450 32.28 -14.30 -8.42
N ALA A 451 33.22 -14.56 -9.33
CA ALA A 451 34.63 -14.54 -8.98
C ALA A 451 35.03 -13.16 -8.50
N GLU A 452 34.67 -12.13 -9.25
CA GLU A 452 34.98 -10.75 -8.88
C GLU A 452 34.58 -10.49 -7.44
N LEU A 453 33.36 -10.86 -7.08
CA LEU A 453 32.87 -10.59 -5.73
C LEU A 453 33.52 -11.45 -4.65
N GLY A 454 34.09 -12.58 -5.02
CA GLY A 454 34.79 -13.44 -4.07
C GLY A 454 33.93 -13.98 -2.93
N ASP A 455 34.48 -13.94 -1.71
CA ASP A 455 33.81 -14.44 -0.50
C ASP A 455 32.60 -13.64 -0.04
N LEU A 456 32.51 -12.37 -0.43
CA LEU A 456 31.31 -11.58 -0.12
C LEU A 456 30.09 -12.07 -0.89
N ALA A 457 30.31 -12.76 -2.01
CA ALA A 457 29.21 -13.30 -2.81
C ALA A 457 28.68 -14.60 -2.25
N ILE A 458 27.44 -14.89 -2.58
CA ILE A 458 26.76 -16.11 -2.18
C ILE A 458 26.14 -16.73 -3.42
N HIS A 459 26.48 -17.99 -3.67
CA HIS A 459 25.99 -18.68 -4.85
C HIS A 459 24.50 -18.89 -4.61
N PRO A 460 23.67 -18.61 -5.62
CA PRO A 460 22.24 -18.83 -5.41
C PRO A 460 21.89 -20.25 -4.98
N GLU A 461 22.69 -21.24 -5.38
CA GLU A 461 22.41 -22.62 -5.02
C GLU A 461 22.45 -22.80 -3.51
N GLN A 462 23.29 -22.03 -2.84
CA GLN A 462 23.29 -21.99 -1.37
C GLN A 462 21.96 -21.48 -0.78
N CYS A 463 21.06 -20.98 -1.61
CA CYS A 463 19.75 -20.54 -1.15
C CYS A 463 18.59 -21.28 -1.77
N LEU A 464 18.81 -22.03 -2.85
CA LEU A 464 17.71 -22.70 -3.57
C LEU A 464 17.66 -24.20 -3.32
N HIS A 465 18.83 -24.83 -3.32
CA HIS A 465 18.95 -26.24 -3.01
C HIS A 465 18.07 -27.12 -3.88
N PHE A 466 18.20 -26.94 -5.19
CA PHE A 466 17.64 -27.91 -6.12
C PHE A 466 18.68 -29.01 -6.35
N SER A 467 18.25 -30.26 -6.31
CA SER A 467 19.15 -31.40 -6.55
C SER A 467 19.63 -31.40 -7.98
N ASP A 468 20.74 -32.08 -8.22
CA ASP A 468 21.23 -32.24 -9.58
C ASP A 468 20.16 -32.95 -10.41
N ARG A 469 19.58 -34.02 -9.88
CA ARG A 469 18.45 -34.66 -10.53
C ARG A 469 17.37 -33.67 -10.96
N GLN A 470 16.90 -32.86 -10.03
CA GLN A 470 15.82 -31.90 -10.35
C GLN A 470 16.10 -31.06 -11.60
N TYR A 471 17.31 -30.50 -11.65
CA TYR A 471 17.79 -29.68 -12.79
C TYR A 471 17.84 -30.48 -14.11
N ASP A 472 18.47 -31.64 -14.08
CA ASP A 472 18.70 -32.41 -15.30
C ASP A 472 17.37 -32.86 -15.88
N ASN A 473 16.42 -33.15 -14.99
CA ASN A 473 15.09 -33.56 -15.42
C ASN A 473 14.13 -32.38 -15.49
N ARG A 474 14.68 -31.17 -15.47
CA ARG A 474 13.85 -29.99 -15.33
C ARG A 474 12.84 -29.88 -16.47
N GLU A 475 13.26 -30.27 -17.67
CA GLU A 475 12.38 -30.16 -18.83
C GLU A 475 11.17 -31.06 -18.68
N SER A 476 11.39 -32.38 -18.56
CA SER A 476 10.30 -33.34 -18.40
C SER A 476 9.45 -33.02 -17.18
N SER A 477 10.09 -32.71 -16.06
CA SER A 477 9.37 -32.38 -14.84
C SER A 477 8.53 -31.10 -14.99
N ASN A 478 9.07 -30.12 -15.69
CA ASN A 478 8.42 -28.81 -15.80
C ASN A 478 7.13 -28.81 -16.57
N GLU A 479 7.08 -29.58 -17.66
CA GLU A 479 5.88 -29.70 -18.52
C GLU A 479 4.60 -29.90 -17.71
N ARG A 480 4.69 -30.83 -16.77
CA ARG A 480 3.55 -31.31 -16.00
C ARG A 480 3.37 -30.54 -14.70
N ALA A 481 4.22 -29.53 -14.46
CA ALA A 481 4.34 -28.96 -13.13
C ALA A 481 2.97 -28.82 -12.47
N THR A 482 2.79 -29.59 -11.40
CA THR A 482 1.57 -29.60 -10.62
C THR A 482 1.33 -28.18 -10.09
N VAL A 483 2.40 -27.60 -9.56
CA VAL A 483 2.30 -26.41 -8.72
C VAL A 483 3.22 -25.33 -9.29
N THR A 484 3.00 -24.10 -8.84
CA THR A 484 3.92 -23.00 -9.06
C THR A 484 5.30 -23.24 -8.41
N HIS A 485 5.33 -24.04 -7.34
CA HIS A 485 6.56 -24.45 -6.67
C HIS A 485 7.49 -25.28 -7.56
N ASP A 486 6.90 -26.25 -8.25
CA ASP A 486 7.68 -27.31 -8.91
C ASP A 486 8.31 -26.88 -10.25
N TRP A 487 8.27 -25.57 -10.54
CA TRP A 487 9.09 -25.03 -11.61
C TRP A 487 10.53 -25.14 -11.16
N ILE A 488 11.31 -25.97 -11.87
CA ILE A 488 12.72 -26.07 -11.58
C ILE A 488 13.36 -25.00 -12.43
N PRO A 489 14.14 -24.09 -11.82
CA PRO A 489 14.73 -23.05 -12.64
C PRO A 489 15.89 -23.61 -13.45
N GLN A 490 16.67 -22.74 -14.07
CA GLN A 490 17.87 -23.17 -14.77
C GLN A 490 19.08 -22.99 -13.89
N ARG A 491 20.15 -23.69 -14.21
CA ARG A 491 21.35 -23.59 -13.39
C ARG A 491 21.96 -22.19 -13.56
N PHE A 492 22.50 -21.66 -12.47
CA PHE A 492 23.23 -20.39 -12.44
C PHE A 492 24.56 -20.51 -13.17
N ASP A 493 24.78 -19.63 -14.13
CA ASP A 493 26.05 -19.54 -14.86
C ASP A 493 26.97 -18.57 -14.10
N ALA A 494 27.79 -19.11 -13.22
CA ALA A 494 28.66 -18.29 -12.39
C ALA A 494 29.65 -17.51 -13.22
N SER A 495 30.13 -18.15 -14.29
CA SER A 495 31.15 -17.55 -15.16
C SER A 495 30.68 -16.23 -15.77
N LYS A 496 29.37 -16.11 -16.01
CA LYS A 496 28.80 -14.85 -16.48
C LYS A 496 28.65 -13.88 -15.33
N ALA A 497 28.51 -12.60 -15.69
CA ALA A 497 28.25 -11.52 -14.74
C ALA A 497 26.74 -11.35 -14.53
N HIS A 498 26.37 -10.79 -13.39
CA HIS A 498 24.97 -10.71 -12.99
C HIS A 498 24.80 -9.50 -12.11
N ASP A 499 23.58 -8.99 -11.98
CA ASP A 499 23.28 -8.00 -10.95
C ASP A 499 23.32 -8.71 -9.62
N TRP A 500 24.01 -8.10 -8.65
CA TRP A 500 24.11 -8.62 -7.29
C TRP A 500 23.71 -7.54 -6.31
N THR A 501 22.79 -7.85 -5.41
CA THR A 501 22.25 -6.88 -4.47
C THR A 501 22.94 -7.06 -3.13
N PRO A 502 23.30 -5.95 -2.47
CA PRO A 502 23.90 -6.11 -1.16
C PRO A 502 22.86 -6.40 -0.09
N VAL A 503 23.20 -7.28 0.84
CA VAL A 503 22.33 -7.65 1.94
C VAL A 503 23.15 -7.65 3.24
N TRP A 504 22.52 -7.19 4.32
CA TRP A 504 23.23 -6.99 5.58
C TRP A 504 23.36 -8.31 6.37
N SER A 505 24.59 -8.75 6.61
CA SER A 505 24.81 -9.86 7.49
C SER A 505 24.82 -9.37 8.94
N LEU A 506 23.77 -9.68 9.68
CA LEU A 506 23.70 -9.38 11.12
C LEU A 506 24.75 -10.17 11.87
N THR A 507 25.02 -11.37 11.38
CA THR A 507 25.91 -12.25 12.08
C THR A 507 27.37 -11.78 11.96
N GLU A 508 27.71 -11.18 10.82
CA GLU A 508 29.07 -10.69 10.60
C GLU A 508 29.19 -9.17 10.48
N GLN A 509 28.08 -8.44 10.53
CA GLN A 509 28.06 -6.97 10.44
C GLN A 509 28.72 -6.37 9.19
N THR A 510 28.51 -6.99 8.03
CA THR A 510 29.02 -6.49 6.77
C THR A 510 27.96 -6.78 5.78
N HIS A 511 28.12 -6.23 4.59
CA HIS A 511 27.31 -6.60 3.45
C HIS A 511 27.83 -7.86 2.79
N LYS A 512 26.90 -8.68 2.31
CA LYS A 512 27.22 -9.76 1.41
C LYS A 512 26.41 -9.54 0.16
N TYR A 513 26.57 -10.42 -0.82
CA TYR A 513 25.91 -10.24 -2.09
C TYR A 513 25.13 -11.46 -2.52
N LEU A 514 23.88 -11.19 -2.85
CA LEU A 514 22.94 -12.18 -3.34
C LEU A 514 22.47 -11.71 -4.71
N PRO A 515 22.28 -12.62 -5.66
CA PRO A 515 21.81 -12.13 -6.94
C PRO A 515 20.48 -11.39 -6.84
N THR A 516 20.38 -10.27 -7.55
CA THR A 516 19.21 -9.41 -7.52
C THR A 516 17.92 -10.15 -7.86
N ALA A 517 18.01 -11.12 -8.77
CA ALA A 517 16.85 -11.93 -9.15
C ALA A 517 16.21 -12.71 -7.99
N LEU A 518 17.00 -13.19 -7.06
CA LEU A 518 16.45 -13.79 -5.87
C LEU A 518 15.85 -12.77 -4.93
N CYS A 519 16.30 -11.53 -5.01
CA CYS A 519 15.95 -10.54 -4.00
C CYS A 519 14.65 -9.80 -4.24
N TYR A 520 14.21 -9.70 -5.50
CA TYR A 520 12.99 -8.93 -5.83
C TYR A 520 12.08 -9.70 -6.78
N TYR A 521 10.77 -9.54 -6.60
CA TYR A 521 9.79 -10.16 -7.52
C TYR A 521 9.89 -9.45 -8.88
N ARG A 522 9.64 -10.21 -9.94
CA ARG A 522 9.62 -9.71 -11.32
C ARG A 522 10.92 -9.07 -11.79
N TYR A 523 12.06 -9.63 -11.40
CA TYR A 523 13.34 -9.14 -11.93
C TYR A 523 13.39 -9.53 -13.41
N PRO A 524 13.71 -8.61 -14.32
CA PRO A 524 13.65 -8.97 -15.74
C PRO A 524 14.86 -9.76 -16.20
N PHE A 525 14.68 -11.04 -16.48
CA PHE A 525 15.79 -11.87 -16.93
C PHE A 525 15.96 -11.76 -18.42
N PRO A 526 17.13 -12.18 -18.95
CA PRO A 526 17.15 -12.60 -20.35
C PRO A 526 16.26 -13.84 -20.43
N PRO A 527 15.55 -14.03 -21.56
CA PRO A 527 14.49 -15.05 -21.50
C PRO A 527 14.94 -16.44 -21.04
N GLU A 528 15.92 -17.03 -21.73
CA GLU A 528 16.34 -18.41 -21.48
C GLU A 528 16.90 -18.62 -20.09
N HIS A 529 17.81 -17.74 -19.68
CA HIS A 529 18.58 -17.91 -18.45
C HIS A 529 17.81 -17.42 -17.23
N ARG A 530 16.71 -18.10 -16.92
CA ARG A 530 15.94 -17.87 -15.70
C ARG A 530 16.50 -18.79 -14.62
N PHE A 531 17.33 -18.30 -13.71
CA PHE A 531 17.96 -19.21 -12.73
C PHE A 531 17.24 -19.30 -11.39
N CYS A 532 16.20 -18.49 -11.21
CA CYS A 532 15.34 -18.63 -10.05
C CYS A 532 14.00 -17.97 -10.26
N ARG A 533 13.08 -18.23 -9.33
CA ARG A 533 11.76 -17.64 -9.29
C ARG A 533 11.64 -17.13 -7.87
N SER A 534 11.38 -15.84 -7.68
CA SER A 534 11.79 -15.13 -6.46
C SER A 534 11.29 -15.64 -5.06
N ASP A 535 10.05 -16.12 -4.95
CA ASP A 535 9.46 -16.61 -3.64
C ASP A 535 9.49 -15.66 -2.42
N SER A 536 8.51 -15.85 -1.55
CA SER A 536 8.21 -14.89 -0.48
C SER A 536 8.63 -15.39 0.89
N ASN A 537 9.49 -16.39 0.89
CA ASN A 537 9.85 -17.04 2.11
C ASN A 537 10.88 -16.19 2.84
N GLY A 538 10.50 -15.68 4.01
CA GLY A 538 11.38 -14.80 4.76
C GLY A 538 11.00 -13.34 4.58
N ASN A 539 10.18 -13.07 3.56
CA ASN A 539 9.55 -11.78 3.42
C ASN A 539 8.57 -11.52 4.53
N ALA A 540 8.52 -10.27 4.95
CA ALA A 540 7.76 -9.88 6.12
C ALA A 540 7.76 -8.36 6.30
N ALA A 541 6.69 -7.85 6.90
CA ALA A 541 6.51 -6.43 7.13
C ALA A 541 6.23 -6.12 8.60
N GLY A 542 6.36 -4.86 8.98
CA GLY A 542 6.10 -4.44 10.34
C GLY A 542 6.10 -2.93 10.40
N ASN A 543 5.75 -2.39 11.55
CA ASN A 543 5.83 -0.96 11.75
C ASN A 543 7.24 -0.54 12.13
N THR A 544 8.10 -1.52 12.38
CA THR A 544 9.53 -1.28 12.53
C THR A 544 10.29 -2.39 11.83
N LEU A 545 11.54 -2.13 11.47
CA LEU A 545 12.41 -3.11 10.83
C LEU A 545 12.56 -4.36 11.66
N GLU A 546 12.67 -4.16 12.97
CA GLU A 546 12.96 -5.26 13.89
C GLU A 546 11.77 -6.23 14.03
N GLU A 547 10.54 -5.70 13.99
CA GLU A 547 9.36 -6.54 14.01
C GLU A 547 9.29 -7.40 12.78
N ALA A 548 9.50 -6.77 11.63
CA ALA A 548 9.57 -7.47 10.36
C ALA A 548 10.66 -8.56 10.34
N ILE A 549 11.83 -8.28 10.92
CA ILE A 549 12.95 -9.22 10.86
C ILE A 549 12.67 -10.49 11.66
N LEU A 550 12.05 -10.33 12.82
CA LEU A 550 11.67 -11.46 13.65
C LEU A 550 10.55 -12.25 12.96
N GLN A 551 9.66 -11.55 12.26
CA GLN A 551 8.57 -12.21 11.57
C GLN A 551 9.15 -13.11 10.50
N GLY A 552 9.99 -12.53 9.65
CA GLY A 552 10.61 -13.22 8.54
C GLY A 552 11.53 -14.34 8.96
N PHE A 553 12.30 -14.11 10.02
CA PHE A 553 13.13 -15.18 10.60
C PHE A 553 12.29 -16.37 11.07
N MET A 554 11.15 -16.11 11.71
CA MET A 554 10.31 -17.19 12.24
C MET A 554 9.53 -17.93 11.16
N GLU A 555 9.07 -17.18 10.15
CA GLU A 555 8.55 -17.78 8.93
C GLU A 555 9.62 -18.70 8.35
N LEU A 556 10.90 -18.35 8.42
CA LEU A 556 11.92 -19.26 7.88
C LEU A 556 12.00 -20.56 8.66
N VAL A 557 12.00 -20.49 10.00
CA VAL A 557 12.23 -21.68 10.84
C VAL A 557 11.00 -22.56 10.85
N GLU A 558 9.82 -21.94 10.75
CA GLU A 558 8.56 -22.68 10.51
C GLU A 558 8.64 -23.57 9.26
N ARG A 559 9.17 -23.06 8.17
CA ARG A 559 9.19 -23.84 6.92
C ARG A 559 10.36 -24.80 6.87
N ASP A 560 11.46 -24.49 7.52
CA ASP A 560 12.59 -25.41 7.56
C ASP A 560 12.21 -26.62 8.44
N SER A 561 11.48 -26.34 9.53
CA SER A 561 11.03 -27.38 10.43
C SER A 561 9.98 -28.30 9.81
N VAL A 562 8.99 -27.71 9.14
CA VAL A 562 7.95 -28.48 8.46
C VAL A 562 8.54 -29.30 7.31
N CYS A 563 9.58 -28.79 6.65
CA CYS A 563 10.22 -29.52 5.55
C CYS A 563 10.97 -30.74 6.04
N LEU A 564 11.69 -30.58 7.14
CA LEU A 564 12.46 -31.69 7.69
C LEU A 564 11.53 -32.82 8.07
N TRP A 565 10.37 -32.46 8.64
CA TRP A 565 9.40 -33.44 9.14
C TRP A 565 8.66 -34.09 8.01
N TRP A 566 8.06 -33.25 7.18
CA TRP A 566 7.20 -33.71 6.13
C TRP A 566 7.94 -34.63 5.20
N TYR A 567 9.09 -34.18 4.71
CA TYR A 567 9.78 -34.88 3.63
C TYR A 567 10.51 -36.15 4.06
N ASN A 568 11.03 -36.13 5.28
CA ASN A 568 11.61 -37.32 5.86
C ASN A 568 10.53 -38.19 6.50
N ARG A 569 9.29 -37.73 6.52
CA ARG A 569 8.18 -38.43 7.17
C ARG A 569 8.57 -38.94 8.55
N VAL A 570 8.79 -38.01 9.45
CA VAL A 570 9.32 -38.29 10.77
C VAL A 570 8.21 -38.38 11.83
N SER A 571 8.30 -39.42 12.65
CA SER A 571 7.33 -39.67 13.71
C SER A 571 7.69 -38.78 14.88
N ARG A 572 6.73 -38.02 15.37
CA ARG A 572 7.07 -36.91 16.24
C ARG A 572 6.27 -36.98 17.54
N PRO A 573 6.85 -36.48 18.65
CA PRO A 573 6.06 -36.53 19.89
C PRO A 573 4.95 -35.49 19.98
N ALA A 574 3.88 -35.83 20.67
CA ALA A 574 2.78 -34.92 20.85
C ALA A 574 3.01 -34.01 22.05
N VAL A 575 2.08 -33.09 22.26
CA VAL A 575 2.25 -32.03 23.22
C VAL A 575 1.11 -32.08 24.21
N ASP A 576 1.43 -32.28 25.49
CA ASP A 576 0.44 -32.16 26.56
C ASP A 576 0.03 -30.69 26.69
N LEU A 577 -1.17 -30.39 26.21
CA LEU A 577 -1.66 -29.02 26.20
C LEU A 577 -2.05 -28.52 27.57
N SER A 578 -2.58 -29.40 28.41
CA SER A 578 -2.91 -29.02 29.79
C SER A 578 -1.68 -28.46 30.53
N SER A 579 -0.50 -29.01 30.23
CA SER A 579 0.75 -28.62 30.91
C SER A 579 1.14 -27.18 30.63
N PHE A 580 0.61 -26.64 29.53
CA PHE A 580 0.79 -25.22 29.21
C PHE A 580 -0.22 -24.42 29.97
N ASP A 581 0.13 -23.17 30.24
CA ASP A 581 -0.67 -22.34 31.12
C ASP A 581 -1.59 -21.50 30.26
N GLU A 582 -2.41 -22.18 29.48
CA GLU A 582 -3.29 -21.55 28.53
C GLU A 582 -4.58 -22.36 28.42
N PRO A 583 -5.65 -21.91 29.11
CA PRO A 583 -6.89 -22.70 29.21
C PRO A 583 -7.58 -22.92 27.86
N TYR A 584 -7.25 -22.07 26.89
CA TYR A 584 -7.82 -22.10 25.54
C TYR A 584 -7.50 -23.35 24.74
N PHE A 585 -6.27 -23.85 24.88
CA PHE A 585 -5.84 -25.02 24.10
C PHE A 585 -6.79 -26.17 24.40
N LEU A 586 -6.93 -26.52 25.67
CA LEU A 586 -7.77 -27.64 26.03
C LEU A 586 -9.22 -27.36 25.64
N GLN A 587 -9.64 -26.10 25.75
CA GLN A 587 -11.00 -25.70 25.40
C GLN A 587 -11.31 -25.84 23.92
N LEU A 588 -10.38 -25.42 23.07
CA LEU A 588 -10.57 -25.57 21.64
C LEU A 588 -10.55 -27.04 21.23
N GLN A 589 -9.59 -27.78 21.77
CA GLN A 589 -9.50 -29.23 21.57
C GLN A 589 -10.86 -29.87 21.82
N GLN A 590 -11.43 -29.60 23.00
CA GLN A 590 -12.75 -30.13 23.35
C GLN A 590 -13.81 -29.71 22.35
N PHE A 591 -13.82 -28.43 22.00
CA PHE A 591 -14.83 -27.91 21.06
C PHE A 591 -14.84 -28.72 19.77
N TYR A 592 -13.66 -29.09 19.28
CA TYR A 592 -13.55 -29.88 18.06
C TYR A 592 -14.30 -31.21 18.14
N GLN A 593 -14.36 -31.80 19.34
CA GLN A 593 -15.16 -33.02 19.58
C GLN A 593 -16.66 -32.82 19.33
N THR A 594 -17.19 -31.65 19.65
CA THR A 594 -18.58 -31.35 19.34
C THR A 594 -18.80 -31.16 17.83
N GLN A 595 -17.75 -30.74 17.11
CA GLN A 595 -17.82 -30.56 15.67
C GLN A 595 -17.23 -31.74 14.90
N ASN A 596 -17.31 -32.93 15.49
CA ASN A 596 -16.91 -34.15 14.81
C ASN A 596 -15.45 -34.15 14.36
N ARG A 597 -14.54 -33.78 15.28
CA ARG A 597 -13.12 -33.65 14.94
C ARG A 597 -12.17 -33.89 16.12
N ASP A 598 -11.06 -34.57 15.83
CA ASP A 598 -9.99 -34.73 16.79
C ASP A 598 -8.96 -33.67 16.52
N LEU A 599 -8.00 -33.54 17.43
CA LEU A 599 -7.00 -32.50 17.34
C LEU A 599 -5.80 -32.80 18.26
N TRP A 600 -4.65 -33.13 17.68
CA TRP A 600 -3.39 -33.18 18.43
C TRP A 600 -2.44 -32.12 17.90
N VAL A 601 -1.42 -31.83 18.69
CA VAL A 601 -0.31 -30.99 18.27
C VAL A 601 0.96 -31.81 18.37
N LEU A 602 1.67 -31.97 17.26
CA LEU A 602 2.98 -32.60 17.25
C LEU A 602 4.11 -31.56 17.39
N ASP A 603 5.25 -31.95 17.96
CA ASP A 603 6.39 -31.04 18.11
C ASP A 603 7.38 -31.13 16.94
N LEU A 604 7.51 -30.07 16.17
CA LEU A 604 8.40 -30.05 14.99
C LEU A 604 9.75 -29.39 15.24
N THR A 605 10.02 -29.01 16.49
CA THR A 605 11.29 -28.39 16.85
C THR A 605 12.48 -29.18 16.32
N ALA A 606 13.40 -28.50 15.64
CA ALA A 606 14.58 -29.13 15.09
C ALA A 606 15.82 -28.57 15.76
N ASP A 607 16.95 -28.62 15.07
CA ASP A 607 18.24 -28.36 15.71
C ASP A 607 18.49 -26.91 16.11
N LEU A 608 17.62 -25.99 15.72
CA LEU A 608 17.71 -24.63 16.23
C LEU A 608 17.13 -24.53 17.65
N GLY A 609 16.36 -25.54 18.03
CA GLY A 609 15.69 -25.55 19.32
C GLY A 609 14.54 -24.56 19.40
N ILE A 610 14.27 -23.85 18.32
CA ILE A 610 13.17 -22.89 18.32
C ILE A 610 11.84 -23.66 18.22
N PRO A 611 10.92 -23.39 19.16
CA PRO A 611 9.66 -24.12 19.15
C PRO A 611 8.89 -24.05 17.83
N ALA A 612 8.58 -25.21 17.26
CA ALA A 612 7.80 -25.31 16.02
C ALA A 612 6.84 -26.48 16.17
N PHE A 613 5.59 -26.28 15.76
CA PHE A 613 4.53 -27.27 15.97
C PHE A 613 3.60 -27.42 14.75
N VAL A 614 3.03 -28.63 14.57
CA VAL A 614 1.85 -28.80 13.72
C VAL A 614 0.62 -29.04 14.56
N GLY A 615 -0.50 -28.48 14.14
CA GLY A 615 -1.82 -28.93 14.61
C GLY A 615 -2.43 -29.91 13.59
N VAL A 616 -2.71 -31.13 14.02
CA VAL A 616 -3.35 -32.17 13.18
C VAL A 616 -4.79 -32.37 13.62
N SER A 617 -5.74 -31.91 12.80
CA SER A 617 -7.14 -32.25 13.04
C SER A 617 -7.68 -33.16 11.96
N ASN A 618 -8.32 -34.23 12.39
CA ASN A 618 -9.01 -35.15 11.52
C ASN A 618 -10.45 -35.24 11.93
N ARG A 619 -11.33 -35.50 10.96
CA ARG A 619 -12.72 -35.85 11.23
C ARG A 619 -12.78 -37.13 12.03
N LYS A 620 -13.83 -37.26 12.85
CA LYS A 620 -14.00 -38.45 13.70
C LYS A 620 -14.77 -39.53 12.97
N ALA A 621 -15.85 -39.13 12.31
CA ALA A 621 -16.67 -40.01 11.47
C ALA A 621 -16.90 -39.38 10.09
N GLY A 622 -17.51 -40.14 9.19
CA GLY A 622 -17.60 -39.78 7.78
C GLY A 622 -16.62 -40.66 7.03
N SER A 623 -16.69 -40.66 5.71
CA SER A 623 -15.87 -41.58 4.92
C SER A 623 -14.56 -40.96 4.49
N SER A 624 -14.27 -39.73 4.93
CA SER A 624 -12.99 -39.10 4.63
C SER A 624 -12.53 -38.26 5.78
N GLU A 625 -11.35 -38.60 6.31
CA GLU A 625 -10.83 -38.00 7.54
C GLU A 625 -10.63 -36.47 7.45
N ARG A 626 -10.44 -35.96 6.23
CA ARG A 626 -10.29 -34.52 5.97
C ARG A 626 -9.30 -33.89 6.89
N ILE A 627 -8.05 -34.33 6.78
CA ILE A 627 -7.05 -33.95 7.75
C ILE A 627 -6.62 -32.55 7.42
N ILE A 628 -6.76 -31.64 8.38
CA ILE A 628 -6.24 -30.27 8.18
C ILE A 628 -5.03 -30.03 9.06
N LEU A 629 -4.01 -29.42 8.46
CA LEU A 629 -2.73 -29.11 9.12
C LEU A 629 -2.57 -27.60 9.29
N GLY A 630 -1.94 -27.21 10.37
CA GLY A 630 -1.64 -25.80 10.67
C GLY A 630 -0.34 -25.66 11.44
N PHE A 631 0.51 -24.73 11.02
CA PHE A 631 1.87 -24.63 11.55
C PHE A 631 2.09 -23.38 12.38
N GLY A 632 3.17 -23.39 13.16
CA GLY A 632 3.53 -22.25 14.01
C GLY A 632 4.94 -22.36 14.56
N ALA A 633 5.64 -21.21 14.62
CA ALA A 633 6.95 -21.17 15.23
C ALA A 633 7.21 -19.85 15.94
N HIS A 634 7.77 -19.92 17.14
CA HIS A 634 8.01 -18.75 17.93
C HIS A 634 8.98 -19.12 19.02
N LEU A 635 9.58 -18.12 19.65
CA LEU A 635 10.53 -18.37 20.73
C LEU A 635 9.78 -18.91 21.94
N ASP A 636 8.67 -18.23 22.26
CA ASP A 636 7.69 -18.67 23.27
C ASP A 636 6.85 -19.79 22.66
N PRO A 637 7.00 -21.00 23.18
CA PRO A 637 6.26 -22.11 22.59
C PRO A 637 4.76 -21.91 22.64
N THR A 638 4.25 -21.26 23.69
CA THR A 638 2.82 -20.96 23.77
C THR A 638 2.33 -20.12 22.59
N VAL A 639 3.09 -19.10 22.25
CA VAL A 639 2.77 -18.31 21.07
C VAL A 639 2.77 -19.19 19.84
N ALA A 640 3.80 -20.02 19.71
CA ALA A 640 3.97 -20.89 18.55
C ALA A 640 2.78 -21.82 18.38
N ILE A 641 2.35 -22.43 19.49
CA ILE A 641 1.22 -23.36 19.46
C ILE A 641 -0.05 -22.60 19.05
N LEU A 642 -0.30 -21.48 19.71
CA LEU A 642 -1.48 -20.66 19.41
C LEU A 642 -1.62 -20.37 17.91
N ARG A 643 -0.50 -20.08 17.27
CA ARG A 643 -0.48 -19.84 15.83
C ARG A 643 -0.87 -21.09 15.08
N ALA A 644 -0.33 -22.24 15.47
CA ALA A 644 -0.69 -23.51 14.84
C ALA A 644 -2.20 -23.80 14.91
N LEU A 645 -2.80 -23.58 16.08
CA LEU A 645 -4.24 -23.81 16.26
C LEU A 645 -5.06 -22.78 15.48
N THR A 646 -4.61 -21.53 15.50
CA THR A 646 -5.26 -20.49 14.71
C THR A 646 -5.29 -20.85 13.22
N GLU A 647 -4.19 -21.42 12.73
CA GLU A 647 -4.10 -21.79 11.31
C GLU A 647 -5.07 -22.93 11.02
N VAL A 648 -5.06 -23.95 11.87
CA VAL A 648 -6.02 -25.04 11.77
C VAL A 648 -7.42 -24.45 11.74
N ASN A 649 -7.68 -23.49 12.62
CA ASN A 649 -9.02 -22.92 12.68
C ASN A 649 -9.40 -22.19 11.42
N GLN A 650 -8.52 -21.33 10.91
CA GLN A 650 -8.84 -20.60 9.68
C GLN A 650 -9.13 -21.57 8.52
N ILE A 651 -8.29 -22.58 8.34
CA ILE A 651 -8.52 -23.60 7.30
C ILE A 651 -9.84 -24.32 7.54
N GLY A 652 -9.98 -24.89 8.74
CA GLY A 652 -11.21 -25.59 9.12
C GLY A 652 -12.46 -24.81 8.80
N LEU A 653 -12.46 -23.51 9.15
CA LEU A 653 -13.56 -22.60 8.85
C LEU A 653 -13.85 -22.49 7.35
N GLU A 654 -12.81 -22.34 6.53
CA GLU A 654 -12.98 -22.23 5.08
C GLU A 654 -13.66 -23.49 4.49
N LEU A 655 -13.24 -24.67 4.91
CA LEU A 655 -13.75 -25.93 4.32
C LEU A 655 -15.21 -26.22 4.71
N ASP A 656 -15.92 -26.93 3.83
CA ASP A 656 -17.33 -27.37 4.06
C ASP A 656 -17.84 -28.26 2.91
N ALA A 667 -7.89 -27.84 -6.24
CA ALA A 667 -6.51 -28.29 -6.35
C ALA A 667 -6.34 -29.83 -6.11
N THR A 668 -5.92 -30.23 -4.91
CA THR A 668 -5.56 -31.63 -4.59
C THR A 668 -6.70 -32.41 -3.86
N ASP A 669 -6.38 -33.63 -3.41
CA ASP A 669 -7.35 -34.54 -2.83
C ASP A 669 -6.88 -35.10 -1.48
N TRP A 670 -5.96 -34.41 -0.84
CA TRP A 670 -5.55 -34.75 0.51
C TRP A 670 -6.77 -34.97 1.37
N LEU A 671 -7.64 -33.97 1.43
CA LEU A 671 -8.83 -34.00 2.28
C LEU A 671 -9.74 -35.19 2.04
N VAL A 672 -9.72 -35.72 0.82
CA VAL A 672 -10.47 -36.91 0.52
C VAL A 672 -9.70 -38.12 0.97
N ASN A 673 -8.41 -38.21 0.61
CA ASN A 673 -7.64 -39.47 0.66
C ASN A 673 -6.69 -39.73 1.85
N ALA A 674 -6.09 -38.68 2.41
CA ALA A 674 -5.11 -38.89 3.47
C ALA A 674 -5.76 -39.51 4.69
N THR A 675 -5.00 -40.35 5.41
CA THR A 675 -5.47 -41.05 6.60
C THR A 675 -4.36 -41.14 7.64
N LEU A 676 -4.72 -41.03 8.91
CA LEU A 676 -3.73 -41.24 9.95
C LEU A 676 -3.16 -42.66 9.80
N ALA A 677 -4.08 -43.59 9.49
CA ALA A 677 -3.75 -45.00 9.45
C ALA A 677 -2.62 -45.23 8.45
N ALA A 678 -2.67 -44.55 7.31
CA ALA A 678 -1.63 -44.68 6.29
C ALA A 678 -0.60 -43.57 6.33
N SER A 679 -0.59 -42.75 7.38
CA SER A 679 0.36 -41.64 7.47
C SER A 679 1.03 -41.60 8.85
N PRO A 680 2.05 -42.45 9.05
CA PRO A 680 2.77 -42.63 10.30
C PRO A 680 3.31 -41.35 10.86
N TYR A 681 3.88 -40.52 9.99
CA TYR A 681 4.40 -39.22 10.41
C TYR A 681 3.34 -38.25 10.99
N LEU A 682 2.07 -38.48 10.68
CA LEU A 682 0.98 -37.72 11.30
C LEU A 682 0.54 -38.30 12.65
N VAL A 683 1.07 -39.46 12.96
CA VAL A 683 0.75 -40.13 14.20
C VAL A 683 1.85 -39.80 15.20
N ALA A 684 1.44 -39.55 16.44
CA ALA A 684 2.38 -39.26 17.50
C ALA A 684 3.17 -40.51 17.87
N ASP A 685 4.45 -40.31 18.13
CA ASP A 685 5.35 -41.37 18.57
C ASP A 685 5.04 -41.77 20.03
N ALA A 686 4.46 -42.94 20.22
CA ALA A 686 4.10 -43.46 21.56
C ALA A 686 5.35 -43.87 22.35
N SER A 687 6.43 -44.13 21.61
CA SER A 687 7.72 -44.50 22.21
C SER A 687 8.49 -43.29 22.76
N GLN A 688 7.83 -42.14 22.83
CA GLN A 688 8.46 -40.93 23.29
C GLN A 688 7.47 -40.16 24.14
N PRO A 689 7.94 -39.58 25.24
CA PRO A 689 7.02 -38.90 26.13
C PRO A 689 6.43 -37.61 25.55
N LEU A 690 5.29 -37.20 26.11
CA LEU A 690 4.58 -35.99 25.68
C LEU A 690 5.30 -34.70 26.09
N LYS A 691 5.37 -33.76 25.16
CA LYS A 691 6.01 -32.49 25.43
C LYS A 691 5.16 -31.67 26.38
N THR A 692 5.79 -31.19 27.44
CA THR A 692 5.14 -30.29 28.36
C THR A 692 5.71 -28.91 28.18
N ALA A 693 5.10 -27.93 28.85
CA ALA A 693 5.62 -26.55 28.87
C ALA A 693 7.09 -26.50 29.31
N LYS A 694 7.49 -27.50 30.08
CA LYS A 694 8.77 -27.51 30.76
C LYS A 694 9.93 -27.94 29.86
N ASP A 695 9.61 -28.47 28.67
CA ASP A 695 10.65 -28.92 27.75
C ASP A 695 11.20 -27.81 26.83
N TYR A 696 10.79 -26.56 27.03
CA TYR A 696 11.20 -25.45 26.14
C TYR A 696 11.90 -24.36 26.91
N PRO A 697 13.24 -24.41 26.94
CA PRO A 697 14.06 -23.37 27.57
C PRO A 697 13.69 -22.01 27.05
N ARG A 698 13.27 -21.11 27.94
CA ARG A 698 12.82 -19.76 27.58
C ARG A 698 13.97 -18.89 27.08
N ARG A 699 13.79 -18.23 25.93
CA ARG A 699 14.83 -17.37 25.35
C ARG A 699 14.33 -16.06 24.74
N TRP A 700 13.07 -15.72 24.97
CA TRP A 700 12.51 -14.46 24.47
C TRP A 700 12.53 -13.43 25.59
N SER A 701 12.52 -12.15 25.21
CA SER A 701 12.72 -11.05 26.16
C SER A 701 11.80 -9.87 25.86
N ASP A 702 11.90 -8.82 26.67
CA ASP A 702 11.09 -7.60 26.49
C ASP A 702 11.47 -6.83 25.24
N ASP A 703 12.69 -7.05 24.77
CA ASP A 703 13.13 -6.33 23.60
C ASP A 703 13.08 -7.23 22.36
N ILE A 704 12.56 -6.65 21.28
CA ILE A 704 12.48 -7.30 19.98
C ILE A 704 13.87 -7.30 19.32
N TYR A 705 14.63 -6.23 19.54
CA TYR A 705 16.03 -6.21 19.13
C TYR A 705 16.79 -7.38 19.76
N THR A 706 16.58 -7.57 21.06
CA THR A 706 17.26 -8.64 21.77
C THR A 706 16.90 -9.97 21.13
N ASP A 707 15.62 -10.13 20.81
CA ASP A 707 15.13 -11.38 20.26
C ASP A 707 15.65 -11.67 18.85
N VAL A 708 15.79 -10.63 18.05
CA VAL A 708 16.41 -10.76 16.73
C VAL A 708 17.83 -11.29 16.93
N MET A 709 18.55 -10.65 17.83
CA MET A 709 19.94 -10.98 18.05
C MET A 709 20.09 -12.32 18.76
N THR A 710 19.15 -12.66 19.64
CA THR A 710 19.04 -14.02 20.16
C THR A 710 18.93 -14.99 18.98
N CYS A 711 17.98 -14.71 18.07
CA CYS A 711 17.74 -15.55 16.89
C CYS A 711 18.99 -15.73 16.06
N VAL A 712 19.68 -14.62 15.79
CA VAL A 712 20.87 -14.65 14.94
C VAL A 712 21.96 -15.53 15.52
N GLU A 713 22.15 -15.42 16.83
CA GLU A 713 23.12 -16.20 17.59
C GLU A 713 22.79 -17.68 17.51
N ILE A 714 21.52 -17.99 17.72
CA ILE A 714 21.06 -19.38 17.60
C ILE A 714 21.43 -19.96 16.23
N ALA A 715 21.23 -19.19 15.17
CA ALA A 715 21.53 -19.64 13.82
C ALA A 715 23.03 -19.81 13.61
N LYS A 716 23.80 -18.87 14.14
CA LYS A 716 25.26 -18.96 14.14
C LYS A 716 25.72 -20.24 14.84
N GLN A 717 24.99 -20.63 15.89
CA GLN A 717 25.26 -21.87 16.63
C GLN A 717 25.00 -23.06 15.74
N ALA A 718 23.95 -22.98 14.94
CA ALA A 718 23.69 -23.97 13.89
C ALA A 718 24.64 -23.89 12.70
N GLY A 719 25.37 -22.78 12.56
CA GLY A 719 26.34 -22.66 11.47
C GLY A 719 25.67 -22.01 10.29
N LEU A 720 25.03 -20.88 10.56
CA LEU A 720 24.17 -20.22 9.61
C LEU A 720 24.23 -18.70 9.77
N GLU A 721 24.37 -18.03 8.63
CA GLU A 721 24.49 -16.60 8.60
C GLU A 721 23.11 -16.01 8.38
N THR A 722 22.75 -15.04 9.21
CA THR A 722 21.45 -14.39 9.10
C THR A 722 21.58 -13.07 8.30
N LEU A 723 21.02 -13.05 7.08
CA LEU A 723 21.11 -11.91 6.21
C LEU A 723 19.79 -11.17 6.12
N VAL A 724 19.85 -9.86 6.00
CA VAL A 724 18.63 -9.06 5.92
C VAL A 724 18.78 -8.04 4.81
N LEU A 725 17.66 -7.81 4.09
CA LEU A 725 17.60 -6.89 2.97
C LEU A 725 16.36 -6.04 3.17
N ASP A 726 16.52 -4.73 3.37
CA ASP A 726 15.39 -3.83 3.57
C ASP A 726 14.80 -3.53 2.19
N GLN A 727 13.52 -3.82 2.01
CA GLN A 727 12.83 -3.54 0.77
C GLN A 727 11.88 -2.36 0.93
N THR A 728 11.93 -1.71 2.10
CA THR A 728 11.01 -0.62 2.43
C THR A 728 11.06 0.45 1.37
N ARG A 729 9.92 0.97 0.96
CA ARG A 729 9.89 2.02 -0.05
C ARG A 729 9.46 3.37 0.58
N PRO A 730 10.23 4.45 0.32
CA PRO A 730 9.95 5.73 0.97
C PRO A 730 8.56 6.29 0.76
N ASP A 731 7.98 6.04 -0.41
CA ASP A 731 6.61 6.46 -0.67
C ASP A 731 5.56 5.71 0.13
N ILE A 732 5.90 4.52 0.65
CA ILE A 732 4.88 3.64 1.23
C ILE A 732 4.92 3.67 2.74
N GLY A 733 6.11 3.53 3.30
CA GLY A 733 6.35 3.83 4.72
C GLY A 733 6.45 2.59 5.57
N LEU A 734 5.49 1.71 5.43
CA LEU A 734 5.55 0.40 6.06
C LEU A 734 6.87 -0.36 5.76
N ASN A 735 7.56 -0.79 6.81
CA ASN A 735 8.80 -1.54 6.64
C ASN A 735 8.55 -2.91 6.05
N VAL A 736 9.41 -3.29 5.11
CA VAL A 736 9.35 -4.60 4.50
C VAL A 736 10.77 -5.11 4.40
N VAL A 737 10.99 -6.33 4.86
CA VAL A 737 12.29 -6.94 4.73
C VAL A 737 12.18 -8.32 4.11
N LYS A 738 13.32 -8.81 3.66
CA LYS A 738 13.52 -10.20 3.32
C LYS A 738 14.66 -10.66 4.19
N VAL A 739 14.37 -11.60 5.07
CA VAL A 739 15.38 -12.28 5.82
C VAL A 739 15.79 -13.50 5.01
N ILE A 740 17.09 -13.72 4.93
CA ILE A 740 17.66 -14.83 4.21
C ILE A 740 18.65 -15.49 5.14
N VAL A 741 18.52 -16.82 5.28
CA VAL A 741 19.43 -17.62 6.09
C VAL A 741 19.87 -18.79 5.22
N PRO A 742 20.93 -18.58 4.43
CA PRO A 742 21.28 -19.61 3.46
C PRO A 742 21.54 -20.95 4.12
N GLY A 743 20.95 -22.00 3.56
CA GLY A 743 21.03 -23.33 4.11
C GLY A 743 19.66 -23.81 4.57
N MET A 744 18.83 -22.87 5.03
CA MET A 744 17.52 -23.23 5.55
C MET A 744 16.57 -23.54 4.43
N ARG A 745 15.76 -24.56 4.68
CA ARG A 745 15.05 -25.32 3.65
C ARG A 745 13.61 -24.86 3.40
N PHE A 746 13.23 -24.96 2.13
CA PHE A 746 11.94 -24.49 1.65
C PHE A 746 11.31 -25.64 0.91
N TRP A 747 10.00 -25.54 0.72
CA TRP A 747 9.21 -26.57 0.07
C TRP A 747 9.79 -26.94 -1.30
N SER A 748 9.83 -28.24 -1.58
CA SER A 748 9.96 -28.75 -2.95
C SER A 748 11.39 -28.78 -3.51
N ARG A 749 12.40 -28.64 -2.64
CA ARG A 749 13.79 -28.52 -3.10
C ARG A 749 14.62 -29.54 -2.36
N PHE A 750 15.30 -30.40 -3.12
CA PHE A 750 15.91 -31.62 -2.57
C PHE A 750 17.42 -31.72 -2.73
N GLY A 751 18.09 -30.58 -2.78
CA GLY A 751 19.54 -30.57 -2.86
C GLY A 751 20.16 -31.02 -1.56
N SER A 752 21.41 -31.48 -1.63
CA SER A 752 22.17 -31.81 -0.43
C SER A 752 22.10 -30.65 0.55
N GLY A 753 22.04 -31.00 1.85
CA GLY A 753 22.01 -30.00 2.90
C GLY A 753 21.35 -30.45 4.17
N ARG A 754 20.84 -29.48 4.93
CA ARG A 754 20.16 -29.74 6.18
C ARG A 754 19.11 -30.85 6.07
N LEU A 755 18.34 -30.82 4.99
CA LEU A 755 17.22 -31.72 4.79
C LEU A 755 17.55 -33.19 5.07
N TYR A 756 18.73 -33.61 4.64
CA TYR A 756 19.23 -34.96 4.87
C TYR A 756 20.06 -35.07 6.17
N ASP A 757 20.85 -34.04 6.47
CA ASP A 757 21.83 -34.14 7.56
C ASP A 757 21.24 -33.93 8.96
N VAL A 758 20.25 -33.04 9.07
CA VAL A 758 19.66 -32.73 10.39
C VAL A 758 18.95 -33.90 11.06
N PRO A 759 18.10 -34.62 10.32
CA PRO A 759 17.51 -35.81 10.93
C PRO A 759 18.57 -36.68 11.60
N VAL A 760 19.68 -36.92 10.91
CA VAL A 760 20.74 -37.81 11.39
C VAL A 760 21.48 -37.20 12.58
N LYS A 761 21.91 -35.96 12.41
CA LYS A 761 22.51 -35.17 13.48
C LYS A 761 21.64 -35.09 14.74
N LEU A 762 20.32 -35.17 14.60
CA LEU A 762 19.40 -35.16 15.76
C LEU A 762 19.00 -36.56 16.25
N GLY A 763 19.61 -37.60 15.70
CA GLY A 763 19.25 -38.97 16.05
C GLY A 763 17.82 -39.40 15.71
N TRP A 764 17.23 -38.80 14.69
CA TRP A 764 15.97 -39.29 14.14
C TRP A 764 16.25 -40.42 13.14
N ARG A 765 17.51 -40.60 12.75
CA ARG A 765 17.89 -41.62 11.76
C ARG A 765 19.35 -42.01 11.87
N GLU A 766 19.65 -43.28 11.66
CA GLU A 766 21.06 -43.73 11.59
C GLU A 766 21.69 -43.24 10.31
N GLN A 767 20.96 -43.36 9.21
CA GLN A 767 21.47 -43.01 7.91
C GLN A 767 20.62 -41.91 7.31
N PRO A 768 21.21 -41.05 6.47
CA PRO A 768 20.37 -40.07 5.78
C PRO A 768 19.43 -40.78 4.82
N LEU A 769 18.27 -40.19 4.59
CA LEU A 769 17.29 -40.73 3.67
C LEU A 769 17.75 -40.44 2.24
N ALA A 770 17.26 -41.23 1.29
CA ALA A 770 17.61 -41.05 -0.13
C ALA A 770 16.63 -40.08 -0.78
N GLU A 771 17.06 -39.39 -1.83
CA GLU A 771 16.20 -38.44 -2.55
C GLU A 771 14.88 -39.07 -3.05
N ALA A 772 14.94 -40.29 -3.58
CA ALA A 772 13.75 -40.99 -4.08
C ALA A 772 12.77 -41.35 -2.97
N GLN A 773 13.27 -41.49 -1.74
CA GLN A 773 12.41 -41.79 -0.60
C GLN A 773 11.79 -40.55 0.08
N MET A 774 12.13 -39.34 -0.38
CA MET A 774 11.49 -38.15 0.18
C MET A 774 9.98 -38.20 -0.06
N ASN A 775 9.21 -37.81 0.95
CA ASN A 775 7.75 -37.78 0.87
C ASN A 775 7.22 -37.28 -0.48
N PRO A 776 6.64 -38.16 -1.28
CA PRO A 776 6.17 -37.80 -2.60
C PRO A 776 4.77 -37.21 -2.61
N THR A 777 4.09 -37.15 -1.47
CA THR A 777 2.78 -36.54 -1.43
C THR A 777 2.93 -35.02 -1.52
N PRO A 778 2.09 -34.38 -2.34
CA PRO A 778 2.26 -32.95 -2.52
C PRO A 778 1.46 -32.17 -1.49
N MET A 779 2.09 -31.19 -0.83
CA MET A 779 1.49 -30.49 0.31
C MET A 779 2.70 -29.89 1.10
N PRO A 780 2.51 -29.24 2.28
CA PRO A 780 1.24 -29.06 2.95
C PRO A 780 0.59 -27.70 2.79
N PHE A 781 -0.45 -27.63 1.94
CA PHE A 781 -1.30 -26.46 1.88
C PHE A 781 -0.45 -25.28 1.45
#